data_5A8L
#
_entry.id   5A8L
#
_cell.length_a   1.000
_cell.length_b   1.000
_cell.length_c   1.000
_cell.angle_alpha   90.00
_cell.angle_beta   90.00
_cell.angle_gamma   90.00
#
_symmetry.space_group_name_H-M   'P 1'
#
loop_
_entity.id
_entity.type
_entity.pdbx_description
1 polymer '28S RIBOSOMAL RNA'
2 polymer 'HUMAN 18S RIBOSOMAL RNA'
3 polymer '60S RIBOSOMAL PROTEIN L17'
4 polymer '60S RIBOSOMAL PROTEIN L12'
5 polymer '60S RIBOSOMAL PROTEIN L4'
6 polymer 'P-SITE TRNA'
7 polymer 'EUKARYOTIC RELEASE FACTOR ERF1'
8 polymer MRNA
9 polymer 'NASCENT CHAIN'
#
loop_
_entity_poly.entity_id
_entity_poly.type
_entity_poly.pdbx_seq_one_letter_code
_entity_poly.pdbx_strand_id
1 'polyribonucleotide'
;CGCGACCUCAGAUCAGACGUGGCGACCCGCUGAAUUUAAGCAUAUUAGUCAGCGGAGGAAAAGAAACUAACCAGGAUUCC
CUCAGUAACGGCGAGUGAACAGGGAAGAGCCCAGCGCCGAAUCCCCGCCCCGCGGGGCGCGGGACAUGUGGCGUACGGAA
GACCCGCUCCCCGGCGCCGCUCGUGGGGGGCCCAAGUCCUUCUGAUCGAGGCCCAGCCCGUGGACGGUGUGAGGCCGGUA
GCGGCCGGCGCGCGCCCGGGUCUUCCCGGAGUCGGGUUGCUUGGGAAUGCAGCCCAAAGCGGGUGGUAAACUCCAUCUAA
GGCUAAAUACCGGCACGAGACCGAUAGUCAACAAGUACCGUAAGGGAAAGUUGAAAAGAACUUUGAAGAGAGAGUUCAAG
AGGGCGUGAAACCGUUAAGAGGUAAACGGGUGGGGUCCGCGCAGUCCGCCCGGAGGAUUCAACCCGGCGGCGGGUCCGGC
CGUGUCGGCGGCCCGGCGGAUCUUUCCCGCCCCCCGUUCCUCCCGACCCCUCCACCCGCCCUCCCUUCCCCCGCCGCCCC
UCCUCCUCCUCCCCGGAGGGGGCGGGCUCCGGCGGGUGCGGGGGUGGGCGGGCGGGGCCGGGGGUGGGGUCGGCGGGGGA
CCGUCCCCCGGACCGGCGACCGGCCGCCGCCGGGCGCAUUUCCAGGCGGUGCGCCGCGACCGGCUCCGGGACGGCUGGGA
AGGCCCGGCGGGGAAGGUGGCUCGGGGGGCCCCGUCCGUCCGUCCGUCCUCCUCCUCCCCCGUCUCCGCCCCCCGGCCCC
GCGUCCUCCCUCGGGAGGGCGCGCGGGUCGGGGCGGCGGCGGCGGCGGCGGUGGCGGCGGCGGCGGGGGCGGCGGGACCG
AAACCCCCCCCGAGUGUUACAGCCCCCCCGGCAGCAGCACUCGCCGAAUCCCGGGGCCGAGGGAGCGAGACCCGUCGCCG
CGCUCUCCCCCCUCCCGGCGCCCACCCCCGCGGGAAUCCCCGCGAGGGGGGUCUCCCCCGGCGCGGCGCCGGCGUCUCCU
CGUGGGGGGGCCGGGCCACCCCUCCCACGGCGCGACCGCUCUCCCACCCCUCCUCCCCGCGCCCCCGCCCCGGCGACGGG
GGGGGUGCCGCGCGCGGGUCGGGGGGCGGGGCGGACUGUCCCCAGUGCGCCCCGGGCGGGUCGCGCCGUCGGGCCCGGGG
GAGGUUCUCUCGGGGCCACGCGCGCGUCCCCCGAAGAGGGGGACGGCGGAGCGAGCGCACGGGGUCGGCGGCGACGUCGG
CUACCCACCCGACCCGUCUUGAAACACGGACCAAGGAGUCUAACACGUGCGCGAGUCGGGGGCUCGCACGAAAGCCGCCG
UGGCGCAAUGAAGGUGAAGGCCGGCGCGCUCGCCGGCCGAGGUGGGAUCCCGAGGCCUCUCCAGUCCGCCGAGGGGCACC
ACCGGCCCGUCUCGCCCGCCGCGCCGGGGAGGUGGAGCACGAGCGCACGUGUUAGGACCCGAAAGAUGGUGAACUAUGCC
UGGGCAGGGCGAAGCCAGAGGAAACUCUGGUGGAGGUCCGUAGCGGUCCUGACGUGCAAAUCGGUCGUCCGACCUGGGUA
UAGGGGCGAAAGACUAAUCGAACCAUCUAGUAGCUGGUUCCCUCCGAAGUUUCCCUCAGGAUAGCUGGCGCUCUCGCAGA
CCCGACGCACCCCCGCCACGCAGUUUUAUCCGGUAAAGCGAAUGAUUAGAGGUCUUGGGGCCGAAACGAUCUCAACCUAU
UCUCAAACUUUAAAUGGGUAAGAAGCCCGGCUCGCUGGCGUGGAGCCGGGGUGGAAUGCGAGUGCCUAGUGGGCCACUUU
UGGUAAGCAGAACUGGCGCUGCGGGAUGAACCGAACGCCGGGUUAAGGCGCCCGAUGCCGACGCUCAUCAGACCCCAGAA
AAGGUGUUGGUUGAUAUAGACAGCAGGAAGGUGGCCAUGGAAGUCGGAAUCCGCUAAGGAGUGUGUAACAACUCACCUGC
CGAAUCAACUAGCCCUGAAAAUGGAUGGCGCUGGAGCGUCGGGCCCAUACCCGGCCGUCGCCGGCAGUCGAGAGUGGACG
GGAGCGGCGGGGGCGGCGGCGCGCGCGCGCGUGUGGUGUGCGUCGGAGGGCGGCGGCGGCGGCGGCGGCGGGGGUGUGGG
GUCCUUCCCCCGCCCCCCCCCCCACGCCUCCUCCCCUCCUCCCGCCCACGCCCCGCUCCCCGCCCCCGGAGCCCCGCGGA
GCUACGCCGCGACGAGUAGGAGGGCCGCUGCGGUGAGCCUUGAAGCCUAGGGCGCGGGCCCGGGUGGAGGCCGCCGCAGG
UGCAGAUCUUGGUGGUAGUAGCAAAUAUUCAAACGAGAACUUUGAAGGCCGAAGUGGAGAAGGGUUCCAUGUGAACAGCA
GUUGAACAUGGGUCAGUCGGUCCUGAGAGAUGGGCGAGCGCCGUUCCGAAGGGACGGGCGAUGGCCUCCGUUGCCCUCGG
CCGAUCGAAAGGGAGUCGGGUUCAGAUCCCCGAAUCCGGAGUGGCGGAGAUGGGCGCCGCGAGGCGUCCAGUGCGGUAAC
GCGACCGAUCCCGGAGAAGCCGGCGGGAGCCCCGGGGAGAGUUCUCUUUUCUUUGUGAAGGGCAGGGCGCCCUGGAAUGG
GUUCGCCCCGAGAGAGGGGCCCGUGCCUUGGAAAGCGUCGCGGUUCCGGCGGCGUCCGGUGAGCUCUCGCUGGCCCUUGA
AAAUCCGGGGGAGAGGGUGUAAAUCUCGCGCCGGGCCGUACCCAUAUCCGCAGCAGGUCUCCAAGGUGAACAGCCUCUGG
CAUGUUGGAACAAUGUAGGUAAGGGAAGUCGGCAAGCCGGAUCCGUAACUUCGGGAUAAGGAUUGGCUCUAAGGGCUGGG
UCGGUCGGGCUGGGGCGCGAAGCGGGGCUGGGCGCGCGCCGCGGCUGGACGAGGCGCGCGCCCCCCCCACGCCCGGGGCA
CCCCCCUCGCGGCCCUCCCCCGCCCCACCCGCGCGCGCCGCUCGCUCCCUCCCCACCCCGCGCCCUCUCUCUCUCUCUCU
CCCCCGCUCCCCGUCCUCCCCCCUCCCCGGGGGAGCGCCGCGUGGGGGCGCGGCGGGGGGAGAAGGGUCGGGGCGGCAGG
GGCCGCGCGGCGGCCGCCGGGGCGGCCGGCGGGGGCAGGUCCCCGCGAGGGGGGCCCCGGGGACCCGGGGGGCCGGCGGC
GGCGCGGACUCUGGACGCGAGCCGGGCCCUUCCCGUGGAUCGCCCCAGCUGCGGCGGGCGUCGCGGCCGCCCCCGGGGAG
CCCGGCGGCGGCGCGGCGCGCCCCCCACCCCCACCCCACGUCUCGGUCGCGCGCGCGUCCGCUGGGGGCGGGAGCGGUCG
GGCGGCGGCGGUCGGCGGGCGGCGGGGCGGGGCGGUUCGUCCCCCCGCCCUACCCCCCCGGCCCCGUCCGCCCCCCGUUC
CCCCCUCCUCCUCGGCGCGCGGCGGCGGCGGCGGCAGGCGGCGGAGGGGCCGCGGGCCGGUCCCCCCCGCCGGGUCCGCC
CCCGGGGCCGCGGUUCCGCGCGCGCCUCGCCUCGGCCGGCGCCUAGCAGCCGACUUAGAACUGGUGCGGACCAGGGGAAU
CCGACUGUUUAAUUAAAACAAAGCAUCGCGAAGGCCCGCGGCGGGUGUUGACGCGAUGUGAUUUCUGCCCAGUGCUCUGA
AUGUCAAAGUGAAGAAAUUCAAUGAAGCGCGGGUAAACGGCGGGAGUAACUAUGACUCUCUUAAGGUAGCCAAAUGCCUC
GUCAUCUAAUUAGUGACGCGCAUGAAUGGAUGAACGAGAUUCCCACUGUCCCUACCUACUAUCCAGCGAAACCACAGCCA
AGGGAACGGGCUUGGCGGAAUCAGCGGGGAAAGAAGACCCUGUUGAGCUUGACUCUAGUCUGGCACGGUGAAGAGACAUG
AGAGGUGUAGAAUAAGUGGGAGGCCCCCGGCGCCCCCCCGGUGUCCCCGCGAGGGGCCCGGGGCGGGGUCCGCGGCCCUG
CGGGCCGCCGGUGAAAUACCACUACUCUGAUCGUUUUUUCACUGACCCGGUGAGGCGGGGGGGCGAGCCCGAGGGGCUCU
CGCUUCUGGCGCCAAGCGCCCGCCCGGCCGGGCGCGACCCGCUCCGGGGACAGUGCCAGGUGGGGAGUUUGACUGGGGCG
GUACACCUGUCAAACGGUAACGCAGGUGUCCUAAGGCGAGCUCAGGGAGGACAGAAACCUCCCGUGGAGCAGAAGGGCAA
AAGCUCGCUUGAUCUUGAUUUUCAGUACGAAUACAGACCGUGAAAGCGGGGCCUCACGAUCCUUCUGACCUUUUGGGUUU
UAAGCAGGAGGUGUCAGAAAAGUUACCACAGGGAUAACUGGCUUGUGGCGGCCAAGCGUUCAUAGCGACGUCGCUUUUUG
AUCCUUCGAUGUCGGCUCUUCCUAUCAUUGUGAAGCAGAAUUCGCCAAGCGUUGGAUUGUUCACCCACUAAUAGGGAACG
UGAGCUGGGUUUAGACCGUCGUGAGACAGGUUAGUUUUACCCUACUGAUGAUGUGUUGUUGCCAUGGUAAUCCUGCUCAG
UACGAGAGGAACCGCAGGUUCAGACAUUUGGUGUAUGUGCUUGGCUGAGGAGCCAAUGGGGCGAAGCUACCAUCUGUGGG
AUUAUGACUGAACGCCUCUAAGUCAGAAUCCCGCCCAGGCGAACGAUACGGCAGCGCCGCGGAGCCUCGGUUGGCCUCGG
AUAGCCGGUCCCCCGCCUGUCCCCGCCGGCGGGCCGCCCCCCCCUCCACGCGCCCCGCCGCGGGAGGGCGCGUGCCCCGC
CGCGCGCCGGGACCGGGGUCCGGUGCGGAGUGCCCUUCGUCCUGGGAAACGGGGCGCGGCCGGAAAGGCGGCCGCCCCCU
CGCCCGUCACGCACCGCACGUUCGUGGGGAACCUGGCGCUAAACCAUUCGUAGACGACCUGCUUCUGGGUCGGGGUUUCG
UACGUAGCAGAGCAGCUCCCUCGCUGCGAUCUAUUGAAAGUCAGCCCUCGACACAAGGGUUUGUC
;
A
2 'polyribonucleotide'
;UACCUGGUUGAUCCUGCCAGUAGCAUAUGCUUGUCUCAAAGAUUAAGCCAUGCAUGUCUAAGUACGCACGGCCGGUACAG
UGAAACUGCGAAUGGCUCAUUAAAUCAGUUAUGGUUCCUUUGGUCGCUCGCUCCUCUCCCACUUGGAUAACUGUGGUAAU
UCUAGAGCUAAUACAUGCCGACGGGCGCUGACCCCCUUCGCGGGGGGGAUGCGUGCAUUUAUCAGAUCAAAACCAACCCG
GUCAGCCCCUCUCCGGCCCCGGCCGGGGGGCGGGCGCCGGCGGCUUUGGUGACUCUAGAUAACCUCGGGCCGAUCGCACG
CCCCCCGUGGCGGCGACGACCCAUUCGAACGUCUGCCCUAUCAACUUUCGAUGGUAGUCGCCGUGCCUACCAUGGUGACC
ACGGGUGACGGGGAAUCAGGGUUCGAUUCCGGAGAGGGAGCCUGAGAAACGGCUACCACAUCCAAGGAAGGCAGCAGGCG
CGCAAAUUACCCACUCCCGACCCGGGGAGGUAGUGACGAAAAAUAACAAUACAGGACUCUUUCGAGGCCCUGUAAUUGGA
AUGAGUCCACUUUAAAUCCUUUAACGAGGAUCCAUUGGAGGGCAAGUCUGGUGCCAGCAGCCGCGGUAAUUCCAGCUCCA
AUAGCGUAUAUUAAAGUUGCUGCAGUUAAAAAGCUCGUAGUUGGAUCUUGGGAGCGGGCGGGCGGUCCGCCGCGAGGCGA
GCCACCGCCCGUCCCCGCCCCUUGCCUCUCGGCGCCCCCUCGAUGCUCUUAGCUGAGUGUCCCGCGGGGCCCGAAGCGUU
UACUUUGAAAAAAUUAGAGUGUUCAAAGCAGGCCCGAGCCGCCUGGAUACCGCAGCUAGGAAUAAUGGAAUAGGACCGCG
GUUCUAUUUUGUUGGUUUUCGGAACUGAGGCCAUGAUUAAGAGGGACGGCCGGGGGCAUUCGUAUUGCGCCGCUAGAGGU
GAAAUUCUUGGACCGGCGCAAGACGGACCAGAGCGAAAGCAUUUGCCAAGAAUGUUUUCAUUAAUCAAGAACGAAAGUCG
GAGGUUCGAAGACGAUCAGAUACCGUCGUAGUUCCGACCAUAAACGAUGCCGACCGGCGAUGCGGCGGCGUUAUUCCCAU
GACCCGCCGGGCAGCUUCCGGGAAACCAAAGUCUUUGGGUUCCGGGGGGAGUAUGGUUGCAAAGCUGAAACUUAAAGGAA
UUGACGGAAGGGCACCACCAGGAGUGGAGCCUGCGGCUUAAUUUGACUCAACACGGGAAACCUCACCCGGCCCGGACACG
GACAGGAUUGACAGAUUGAUAGCUCUUUCUCGAUUCCGUGGGUGGUGGUGCAUGGCCGUUCUUAGUUGGUGGAGCGAUUU
GUCUGGUUAAUUCCGAUAACGAACGAGACUCUGGCAUGCUAACUAGUUACGCGACCCCCGAGCGGUCGGCGUCCCCCAAC
UUCUUAGAGGGACAAGUGGCGUUCAGCCACCCGAGAUUGAGCAAUAACAGGUCUGUGAUGCCCUUAGAUGUCCGGGGCUG
CACGCGCGCUACACUGACUGGCUCAGCGUGUGCCUACCCUACGCCGGCAGGCGCGGGUAACCCGUUGAACCCCAUUCGUG
AUGGGGAUCGGGGAUUGCAAUUAUUCCCCAUGAACGAGGAAUUCCCAGUAAGUGCGGGUCAUAAGCUUGCGUUGAUUAAG
UCCCUGCCCUUUGUACACACCGCCCGUCGCUACUACCGAUUGGAUGGUUUAGUGAGGCCCUCGGAUCGGCCCCGCCGGGG
UCGGCCCACGGCCCUGGCGGAGCGCUGAGAAGACGGUCGAACUUGACUAUCUAGAGGAAGUAAAAGUCGUAACAAGGUUU
CCGUAGGUGAACCUGCGGAAGGAUCAUUA
;
B
3 'polypeptide(L)'
;MVRYSLDPENPTKSCKSRGSNLRVHFKNTRETAQAIKGMHIRKATKYLKDVTLQKQCVPFRRYNGGVGRCAQAKQWGWTQ
GRWPKKSAEFLLHMLKNAESNAELKGLDVDSLVIEHIQVNKAPKMRRRTYRAHGRINPYMSSPCHIEMILTEKEQIVPKP
EEEVAQKKKISQKKLKKQKLMARE
;
D
4 'polypeptide(L)'
;MPPKFDPNEIKVVYLRCTGGEVGATSALAPKIGPLGLSPKKVGDDIAKATGDWKGLRITVKLTIQNRQAQIEVVPSASAL
IIKALKEPPRDRKKQKNIKHSGNITFDEIVNIARQMRHRSLARELSGTIKEILGTAQSVGCNVDGRHPHDIIDDINSGAV
ECPAS
;
G
5 'polypeptide(L)'
;MACARPLISVYSEKGESSGKNVTLPAVFKAPIRPDIVNFVHTNLRKNNRQPYAVSELAGHQTSAESWGTGRAVARIPRVR
GGGTHRSGQGAFGNMCRGGRMFAPTKTWRRWHRRVNTTQKRYAICSALAASALPALVMSKGHRIEEVPELPLVVEDKVEG
YKKTKEAVLLLKKLKAWNDIKKVYASQRMRAGKGKMRNRRRIQRRGPCIIYNEDNGIIKAFRNIPGITLLNVSKLNILKL
APGGHVGRFCIWTESAFRKLDELYGTWRKAASLKSNYNLPMHKMINTDLSRILKSPEIQRALRAPRKKIHRRVLKKNPLK
NLRIMLKLNPYAKTMRRNTILRQARNHKLRVDKAAAAAAALQAKSDEKAAVAGKKPVVGKKGKKAAVGVKKQKKPLVGKK
AAATKKPAPEKKPAEKKPTTEEKKPAA
;
H
6 'polyribonucleotide' GGGAUUAGGAAUCCCCCA P
7 'polypeptide(L)'
;AADRNVEIWKIKKLIKSLEAARGNGTSMISLIIPPKDQISRVAKMLADEFGTASNIKSRVNRLSVLGAITSVQQRLKLYN
KVPPNGLVVYCGTIVTEEGKEKKVNIDFEPFKPINTSLYLCDNKFHTEALTALLSDDSKFGFIVIDGSGALFGTLQGNTR
EVLHKFTVDLPKKHGRGGQSALRFARLRMEKRHNYVRKVAETAVQLFISGDKVNVAGLVLAGSADFKTELSQSDMFDQRL
QSKVLKLVDISYGGENGFNQAIELSTEVLSNVKFIQEKKLIGRYFDEISQDTGKYCFGVEDTLKALEMGAVEILIVYENL
DIMRYVLHCQGTEEEKILYLTPEQEKDKSHFTDKETGQEHELIESMPLLEWFANNYKKFGATLEIVTDKSQEGSQFVKGF
GGIGGILRYRVDFQGMEYQGGDDEFFDLDDY
;
Q
8 'polyribonucleotide' CCUUAAAAA R
9 'polypeptide(L)' MEPLVLSAKKLSSLLTCKYIPP Z
#
# COMPACT_ATOMS: atom_id res chain seq x y z
N PRO C 123 -93.51 57.33 26.79
CA PRO C 123 -94.04 56.21 27.67
C PRO C 123 -94.20 54.85 26.92
N LYS C 124 -93.10 54.31 26.43
CA LYS C 124 -93.12 53.05 25.69
C LYS C 124 -93.56 51.87 26.56
N MET C 125 -94.38 51.01 25.99
CA MET C 125 -94.83 49.80 26.67
C MET C 125 -93.68 48.81 26.84
N ARG C 126 -93.64 48.15 28.00
CA ARG C 126 -92.60 47.15 28.26
C ARG C 126 -93.11 45.73 28.09
N ARG C 127 -92.33 44.90 27.39
CA ARG C 127 -92.66 43.49 27.21
C ARG C 127 -91.39 42.65 27.22
N ARG C 128 -91.47 41.44 27.77
CA ARG C 128 -90.31 40.58 27.93
C ARG C 128 -90.31 39.40 26.97
N THR C 129 -89.12 38.91 26.63
CA THR C 129 -88.97 37.71 25.80
C THR C 129 -87.84 36.82 26.31
N TYR C 130 -88.07 35.52 26.24
CA TYR C 130 -87.07 34.53 26.62
C TYR C 130 -85.93 34.44 25.60
N ARG C 131 -84.73 34.12 26.09
CA ARG C 131 -83.57 33.94 25.22
C ARG C 131 -82.73 32.76 25.69
N ALA C 132 -81.47 32.71 25.27
CA ALA C 132 -80.59 31.61 25.62
C ALA C 132 -80.30 31.54 27.11
N HIS C 133 -80.21 30.31 27.63
CA HIS C 133 -79.88 30.03 29.03
C HIS C 133 -80.82 30.73 30.02
N GLY C 134 -82.05 30.98 29.59
CA GLY C 134 -83.07 31.52 30.48
C GLY C 134 -83.02 33.03 30.63
N ARG C 135 -82.08 33.66 29.94
CA ARG C 135 -81.95 35.12 30.01
C ARG C 135 -83.14 35.82 29.39
N ILE C 136 -83.59 36.90 30.04
CA ILE C 136 -84.72 37.66 29.55
C ILE C 136 -84.26 38.95 28.86
N ASN C 137 -84.83 39.25 27.71
CA ASN C 137 -84.51 40.50 27.02
C ASN C 137 -85.77 41.25 26.58
N PRO C 138 -85.69 42.59 26.50
CA PRO C 138 -86.84 43.52 26.19
C PRO C 138 -87.48 43.35 24.77
N TYR C 139 -88.79 43.55 24.72
CA TYR C 139 -89.55 43.54 23.47
C TYR C 139 -90.40 44.80 23.45
N MET C 140 -89.84 45.87 24.04
CA MET C 140 -90.57 47.12 24.21
C MET C 140 -90.95 47.77 22.88
N SER C 141 -92.18 48.29 22.83
CA SER C 141 -92.69 48.97 21.65
C SER C 141 -92.07 50.36 21.49
N SER C 142 -92.03 50.86 20.27
CA SER C 142 -91.49 52.19 20.00
C SER C 142 -92.46 53.01 19.16
N PRO C 143 -93.54 53.50 19.78
CA PRO C 143 -94.61 54.32 19.11
C PRO C 143 -94.13 55.74 18.66
N PRO D 7 29.74 1.88 -44.63
CA PRO D 7 28.89 2.62 -45.57
C PRO D 7 27.93 3.66 -44.89
N ASN D 8 26.91 3.16 -44.19
CA ASN D 8 25.97 4.03 -43.48
C ASN D 8 26.64 4.80 -42.35
N GLU D 9 26.21 6.04 -42.15
CA GLU D 9 26.76 6.89 -41.09
C GLU D 9 25.72 7.88 -40.61
N ILE D 10 25.84 8.32 -39.36
CA ILE D 10 24.84 9.18 -38.75
C ILE D 10 25.42 9.95 -37.56
N LYS D 11 24.81 11.09 -37.23
CA LYS D 11 25.30 11.95 -36.15
C LYS D 11 25.23 11.28 -34.78
N VAL D 12 26.20 11.60 -33.93
CA VAL D 12 26.33 10.99 -32.61
C VAL D 12 25.24 11.44 -31.64
N VAL D 13 24.92 10.58 -30.67
CA VAL D 13 23.92 10.90 -29.66
C VAL D 13 24.53 10.98 -28.26
N TYR D 14 25.74 10.44 -28.12
CA TYR D 14 26.54 10.48 -26.88
C TYR D 14 25.79 10.11 -25.60
N LEU D 15 24.85 9.17 -25.69
CA LEU D 15 24.07 8.76 -24.53
C LEU D 15 24.77 7.64 -23.76
N ARG D 16 25.12 7.92 -22.50
CA ARG D 16 25.78 6.93 -21.63
C ARG D 16 25.32 7.09 -20.19
N CYS D 17 25.90 8.07 -19.50
CA CYS D 17 25.52 8.44 -18.14
C CYS D 17 25.57 7.25 -17.17
N THR D 18 26.70 6.56 -17.14
CA THR D 18 26.90 5.46 -16.20
C THR D 18 28.36 5.19 -15.88
N GLY D 19 28.62 4.69 -14.68
CA GLY D 19 29.95 4.27 -14.29
C GLY D 19 30.21 2.81 -14.61
N GLY D 20 29.22 2.15 -15.20
CA GLY D 20 29.28 0.72 -15.43
C GLY D 20 30.23 0.29 -16.53
N GLU D 21 30.67 -0.97 -16.46
CA GLU D 21 31.53 -1.55 -17.47
C GLU D 21 30.73 -2.21 -18.57
N VAL D 22 31.42 -2.58 -19.66
CA VAL D 22 30.86 -3.27 -20.84
C VAL D 22 29.53 -2.68 -21.29
N GLY D 23 29.48 -1.35 -21.38
CA GLY D 23 28.26 -0.66 -21.73
C GLY D 23 27.19 -0.85 -20.67
N ALA D 24 26.00 -1.26 -21.10
CA ALA D 24 24.91 -1.56 -20.17
C ALA D 24 25.19 -2.85 -19.40
N THR D 25 24.25 -3.24 -18.57
CA THR D 25 24.39 -4.47 -17.78
C THR D 25 24.48 -5.70 -18.67
N SER D 26 23.93 -5.59 -19.88
CA SER D 26 24.02 -6.65 -20.87
C SER D 26 23.82 -6.07 -22.26
N ALA D 27 24.66 -5.13 -22.64
CA ALA D 27 24.51 -4.38 -23.89
C ALA D 27 24.75 -5.23 -25.14
N LEU D 28 25.45 -6.34 -24.98
CA LEU D 28 25.93 -7.13 -26.12
C LEU D 28 24.83 -7.76 -26.97
N ALA D 29 23.66 -8.02 -26.39
CA ALA D 29 22.63 -8.78 -27.09
C ALA D 29 21.48 -7.94 -27.66
N PRO D 30 20.88 -7.04 -26.86
CA PRO D 30 19.70 -6.22 -27.37
C PRO D 30 19.99 -5.34 -28.64
N LYS D 31 21.21 -4.86 -28.78
CA LYS D 31 21.56 -3.90 -29.81
C LYS D 31 21.45 -4.45 -31.23
N ILE D 32 21.48 -5.78 -31.38
CA ILE D 32 21.40 -6.40 -32.69
C ILE D 32 20.05 -6.10 -33.35
N GLY D 33 20.08 -5.86 -34.65
CA GLY D 33 18.87 -5.61 -35.41
C GLY D 33 18.63 -6.71 -36.44
N PRO D 34 17.47 -6.68 -37.11
CA PRO D 34 17.13 -7.68 -38.18
C PRO D 34 18.14 -7.69 -39.37
N LEU D 35 18.68 -6.52 -39.70
CA LEU D 35 19.72 -6.41 -40.72
C LEU D 35 21.02 -7.05 -40.23
N GLY D 36 21.23 -7.03 -38.92
CA GLY D 36 22.44 -7.57 -38.32
C GLY D 36 23.52 -6.51 -38.23
N LEU D 37 24.56 -6.80 -37.45
CA LEU D 37 25.69 -5.88 -37.31
C LEU D 37 26.93 -6.61 -36.78
N SER D 38 28.10 -6.10 -37.13
CA SER D 38 29.36 -6.68 -36.68
C SER D 38 29.90 -5.98 -35.44
N PRO D 39 30.05 -6.72 -34.33
CA PRO D 39 30.61 -6.19 -33.04
C PRO D 39 32.09 -5.72 -33.16
N LYS D 40 32.44 -4.67 -32.43
CA LYS D 40 33.80 -4.13 -32.51
C LYS D 40 34.27 -3.59 -31.15
N LYS D 41 34.03 -2.31 -30.91
CA LYS D 41 34.47 -1.66 -29.68
C LYS D 41 33.62 -2.05 -28.47
N VAL D 42 32.45 -2.62 -28.74
CA VAL D 42 31.55 -3.05 -27.67
C VAL D 42 32.12 -4.21 -26.86
N GLY D 43 33.07 -4.93 -27.45
CA GLY D 43 33.63 -6.11 -26.82
C GLY D 43 34.82 -5.83 -25.91
N ASP D 44 35.98 -6.35 -26.30
CA ASP D 44 37.18 -6.27 -25.48
C ASP D 44 37.69 -4.84 -25.30
N ASP D 45 37.37 -3.96 -26.24
CA ASP D 45 37.88 -2.59 -26.22
C ASP D 45 37.41 -1.83 -24.99
N ILE D 46 36.25 -2.20 -24.47
CA ILE D 46 35.72 -1.55 -23.26
C ILE D 46 36.65 -1.80 -22.08
N ALA D 47 37.32 -2.96 -22.10
CA ALA D 47 38.26 -3.28 -21.04
C ALA D 47 39.45 -2.32 -21.06
N LYS D 48 39.77 -1.80 -22.24
CA LYS D 48 40.82 -0.79 -22.34
C LYS D 48 40.38 0.50 -21.65
N ALA D 49 39.07 0.76 -21.69
CA ALA D 49 38.52 1.94 -21.03
C ALA D 49 38.21 1.67 -19.56
N THR D 50 37.61 0.52 -19.28
CA THR D 50 37.25 0.16 -17.91
C THR D 50 38.50 -0.07 -17.07
N GLY D 51 39.57 -0.52 -17.70
CA GLY D 51 40.81 -0.81 -17.00
C GLY D 51 41.72 0.38 -16.82
N ASP D 52 41.30 1.54 -17.33
CA ASP D 52 42.14 2.73 -17.29
C ASP D 52 41.35 4.00 -16.99
N TRP D 53 40.17 4.12 -17.61
CA TRP D 53 39.32 5.29 -17.42
C TRP D 53 37.96 4.89 -16.86
N LYS D 54 37.96 4.07 -15.81
CA LYS D 54 36.72 3.57 -15.23
C LYS D 54 35.87 4.68 -14.61
N GLY D 55 34.55 4.56 -14.74
CA GLY D 55 33.63 5.47 -14.11
C GLY D 55 33.58 6.85 -14.74
N LEU D 56 33.10 7.82 -13.97
CA LEU D 56 33.02 9.22 -14.38
C LEU D 56 32.16 9.43 -15.63
N ARG D 57 31.20 8.54 -15.83
CA ARG D 57 30.18 8.64 -16.89
C ARG D 57 30.70 9.17 -18.23
N ILE D 58 31.81 8.61 -18.70
CA ILE D 58 32.46 9.11 -19.90
C ILE D 58 31.54 9.05 -21.13
N THR D 59 31.56 10.11 -21.91
CA THR D 59 30.72 10.22 -23.10
C THR D 59 31.22 9.29 -24.21
N VAL D 60 30.30 8.80 -25.03
CA VAL D 60 30.64 7.91 -26.13
C VAL D 60 29.97 8.32 -27.42
N LYS D 61 30.77 8.79 -28.38
CA LYS D 61 30.26 9.12 -29.70
C LYS D 61 29.84 7.86 -30.45
N LEU D 62 28.77 7.95 -31.23
CA LEU D 62 28.32 6.85 -32.07
C LEU D 62 28.37 7.25 -33.54
N THR D 63 29.57 7.18 -34.12
CA THR D 63 29.77 7.54 -35.52
C THR D 63 29.19 6.49 -36.48
N ILE D 64 29.38 5.22 -36.13
CA ILE D 64 29.02 4.09 -37.00
C ILE D 64 29.61 4.28 -38.40
N GLN D 65 30.88 3.91 -38.56
CA GLN D 65 31.58 4.09 -39.82
C GLN D 65 31.31 2.95 -40.82
N ASN D 66 30.70 1.87 -40.35
CA ASN D 66 30.49 0.71 -41.20
C ASN D 66 29.33 -0.16 -40.70
N ARG D 67 28.16 0.46 -40.55
CA ARG D 67 26.94 -0.25 -40.13
C ARG D 67 27.15 -1.05 -38.84
N GLN D 68 27.91 -0.48 -37.91
CA GLN D 68 28.29 -1.18 -36.70
C GLN D 68 28.55 -0.20 -35.56
N ALA D 69 28.43 -0.68 -34.33
CA ALA D 69 28.67 0.14 -33.15
C ALA D 69 30.13 0.59 -33.07
N GLN D 70 30.34 1.82 -32.61
CA GLN D 70 31.68 2.38 -32.46
C GLN D 70 31.80 3.15 -31.16
N ILE D 71 32.30 2.49 -30.12
CA ILE D 71 32.36 3.06 -28.78
C ILE D 71 33.63 3.90 -28.56
N GLU D 72 33.54 5.19 -28.85
CA GLU D 72 34.62 6.12 -28.55
C GLU D 72 34.77 6.27 -27.03
N VAL D 73 36.01 6.37 -26.56
CA VAL D 73 36.27 6.36 -25.12
C VAL D 73 36.61 7.72 -24.50
N VAL D 74 36.68 8.76 -25.31
CA VAL D 74 37.16 10.06 -24.81
C VAL D 74 36.14 10.78 -23.93
N PRO D 75 36.58 11.18 -22.72
CA PRO D 75 35.87 12.07 -21.72
C PRO D 75 35.67 13.53 -22.24
N SER D 76 34.57 14.17 -21.83
CA SER D 76 34.34 15.57 -22.15
C SER D 76 35.04 16.47 -21.14
N ALA D 77 34.33 16.81 -20.06
CA ALA D 77 34.89 17.61 -18.98
C ALA D 77 34.09 17.44 -17.70
N SER D 78 34.06 18.48 -16.87
CA SER D 78 33.28 18.50 -15.64
C SER D 78 33.69 17.38 -14.67
N ALA D 79 33.32 16.16 -15.00
CA ALA D 79 33.62 15.00 -14.16
C ALA D 79 35.09 14.65 -14.18
N LEU D 80 35.82 15.19 -15.16
CA LEU D 80 37.24 14.88 -15.33
C LEU D 80 38.08 15.33 -14.15
N ILE D 81 37.65 16.38 -13.46
CA ILE D 81 38.41 16.91 -12.33
C ILE D 81 38.47 15.89 -11.19
N ILE D 82 37.47 15.02 -11.13
CA ILE D 82 37.41 13.97 -10.12
C ILE D 82 38.47 12.90 -10.39
N LYS D 83 38.91 12.81 -11.65
CA LYS D 83 39.81 11.74 -12.07
C LYS D 83 41.15 11.77 -11.34
N ALA D 84 41.54 12.95 -10.86
CA ALA D 84 42.83 13.10 -10.20
C ALA D 84 42.81 12.56 -8.78
N LEU D 85 42.75 11.24 -8.65
CA LEU D 85 42.84 10.56 -7.36
C LEU D 85 43.33 9.13 -7.54
N LYS D 86 44.01 8.60 -6.53
CA LYS D 86 44.62 7.28 -6.64
C LYS D 86 43.84 6.17 -5.93
N GLU D 87 42.75 6.53 -5.28
CA GLU D 87 42.00 5.57 -4.47
C GLU D 87 40.48 5.58 -4.74
N PRO D 88 40.05 4.94 -5.84
CA PRO D 88 38.62 4.76 -6.22
C PRO D 88 38.07 3.27 -6.17
N PRO D 89 38.07 2.65 -4.98
CA PRO D 89 37.55 1.25 -4.82
C PRO D 89 36.00 1.18 -4.62
N ARG D 90 35.25 1.69 -5.60
CA ARG D 90 33.80 1.71 -5.58
C ARG D 90 33.24 2.48 -4.38
N ASP D 91 31.92 2.42 -4.20
CA ASP D 91 31.27 3.09 -3.08
C ASP D 91 29.91 2.47 -2.75
N ARG D 92 29.59 1.37 -3.44
CA ARG D 92 28.31 0.68 -3.30
C ARG D 92 27.13 1.64 -3.47
N LYS D 93 26.34 1.81 -2.41
CA LYS D 93 25.19 2.70 -2.47
C LYS D 93 24.77 3.16 -1.07
N LYS D 94 24.15 4.35 -1.02
CA LYS D 94 23.62 4.92 0.22
C LYS D 94 24.69 5.04 1.31
N GLN D 95 25.91 5.40 0.92
CA GLN D 95 26.99 5.57 1.88
C GLN D 95 27.23 7.05 2.19
N LYS D 96 26.16 7.74 2.58
CA LYS D 96 26.20 9.16 2.93
C LYS D 96 26.79 10.00 1.80
N ASN D 97 26.47 9.62 0.57
CA ASN D 97 26.91 10.32 -0.64
C ASN D 97 28.43 10.35 -0.80
N ILE D 98 29.13 9.58 0.04
CA ILE D 98 30.59 9.46 0.09
C ILE D 98 31.37 10.69 -0.44
N LYS D 99 31.68 11.61 0.46
CA LYS D 99 32.39 12.83 0.09
C LYS D 99 33.88 12.58 -0.03
N HIS D 100 34.30 11.99 -1.14
CA HIS D 100 35.70 11.67 -1.38
C HIS D 100 36.43 12.86 -2.02
N SER D 101 37.34 13.46 -1.25
CA SER D 101 38.12 14.60 -1.73
C SER D 101 39.41 14.74 -0.94
N GLY D 102 40.41 15.39 -1.56
CA GLY D 102 41.69 15.59 -0.90
C GLY D 102 42.69 16.32 -1.78
N ASN D 103 42.50 17.63 -1.93
CA ASN D 103 43.39 18.49 -2.70
C ASN D 103 43.57 18.02 -4.15
N ILE D 104 44.61 18.53 -4.79
CA ILE D 104 44.89 18.18 -6.18
C ILE D 104 46.38 18.40 -6.49
N THR D 105 46.91 17.67 -7.46
CA THR D 105 48.30 17.81 -7.86
C THR D 105 48.57 19.19 -8.44
N PHE D 106 49.77 19.71 -8.19
CA PHE D 106 50.16 21.05 -8.64
C PHE D 106 50.16 21.16 -10.17
N ASP D 107 50.40 20.03 -10.84
CA ASP D 107 50.41 20.03 -12.30
C ASP D 107 49.01 19.82 -12.87
N GLU D 108 48.07 20.65 -12.42
CA GLU D 108 46.69 20.61 -12.90
C GLU D 108 46.53 21.41 -14.19
N ILE D 109 47.60 22.09 -14.58
CA ILE D 109 47.59 22.97 -15.74
C ILE D 109 47.54 22.23 -17.09
N VAL D 110 48.38 22.66 -18.03
CA VAL D 110 48.33 22.17 -19.40
C VAL D 110 48.62 20.67 -19.54
N ASN D 111 49.32 20.10 -18.56
CA ASN D 111 49.64 18.69 -18.60
C ASN D 111 48.41 17.80 -18.57
N ILE D 112 47.36 18.26 -17.90
CA ILE D 112 46.08 17.57 -17.87
C ILE D 112 45.10 18.19 -18.87
N ALA D 113 45.27 19.48 -19.10
CA ALA D 113 44.35 20.26 -19.93
C ALA D 113 44.64 20.13 -21.42
N ARG D 114 45.71 19.40 -21.76
CA ARG D 114 46.14 19.29 -23.15
C ARG D 114 45.07 18.65 -24.04
N GLN D 115 44.27 17.76 -23.48
CA GLN D 115 43.18 17.15 -24.24
C GLN D 115 41.95 18.06 -24.32
N MET D 116 41.92 19.08 -23.46
CA MET D 116 40.76 19.96 -23.36
C MET D 116 40.83 21.11 -24.38
N ARG D 117 41.98 21.25 -25.04
CA ARG D 117 42.22 22.37 -25.95
C ARG D 117 41.34 22.35 -27.20
N HIS D 118 40.83 21.17 -27.55
CA HIS D 118 40.12 20.98 -28.82
C HIS D 118 38.89 21.86 -28.96
N ARG D 119 38.23 22.16 -27.84
CA ARG D 119 37.04 23.01 -27.85
C ARG D 119 37.00 23.93 -26.64
N SER D 120 37.50 25.15 -26.80
CA SER D 120 37.55 26.12 -25.71
C SER D 120 37.61 27.55 -26.25
N LEU D 121 38.34 27.72 -27.35
CA LEU D 121 38.51 29.03 -28.00
C LEU D 121 39.10 30.07 -27.06
N ALA D 122 38.96 31.35 -27.45
CA ALA D 122 39.45 32.49 -26.68
C ALA D 122 40.95 32.41 -26.41
N ARG D 123 41.43 33.27 -25.52
CA ARG D 123 42.84 33.30 -25.15
C ARG D 123 43.25 32.01 -24.44
N GLU D 124 44.48 31.58 -24.68
CA GLU D 124 44.98 30.33 -24.09
C GLU D 124 45.26 30.48 -22.60
N LEU D 125 46.39 31.11 -22.29
CA LEU D 125 46.82 31.27 -20.89
C LEU D 125 45.87 32.12 -20.08
N SER D 126 45.20 33.06 -20.74
CA SER D 126 44.26 33.95 -20.07
C SER D 126 42.88 33.30 -19.92
N GLY D 127 42.69 32.13 -20.54
CA GLY D 127 41.39 31.50 -20.57
C GLY D 127 41.35 30.03 -20.20
N THR D 128 41.71 29.18 -21.16
CA THR D 128 41.48 27.74 -21.04
C THR D 128 42.18 27.11 -19.84
N ILE D 129 43.38 27.58 -19.52
CA ILE D 129 44.10 27.11 -18.35
C ILE D 129 43.42 27.57 -17.06
N LYS D 130 42.74 28.72 -17.14
CA LYS D 130 42.09 29.30 -15.96
C LYS D 130 40.71 28.70 -15.71
N GLU D 131 40.02 28.33 -16.79
CA GLU D 131 38.64 27.84 -16.69
C GLU D 131 38.52 26.52 -15.94
N ILE D 132 39.57 25.71 -15.98
CA ILE D 132 39.56 24.41 -15.31
C ILE D 132 39.50 24.57 -13.79
N LEU D 133 39.99 25.71 -13.30
CA LEU D 133 40.02 25.97 -11.87
C LEU D 133 38.63 26.01 -11.25
N GLY D 134 37.65 26.48 -12.02
CA GLY D 134 36.28 26.55 -11.55
C GLY D 134 35.58 25.21 -11.58
N THR D 135 36.13 24.27 -12.34
CA THR D 135 35.58 22.92 -12.44
C THR D 135 35.75 22.17 -11.12
N ALA D 136 36.74 22.56 -10.35
CA ALA D 136 37.11 21.83 -9.14
C ALA D 136 36.31 22.28 -7.92
N GLN D 137 35.03 22.53 -8.11
CA GLN D 137 34.14 22.86 -7.00
C GLN D 137 33.98 21.66 -6.06
N SER D 138 34.11 20.46 -6.62
CA SER D 138 33.95 19.23 -5.86
C SER D 138 35.03 19.04 -4.80
N VAL D 139 36.22 19.58 -5.06
CA VAL D 139 37.35 19.42 -4.16
C VAL D 139 37.10 20.14 -2.83
N GLY D 140 36.70 21.40 -2.92
CA GLY D 140 36.34 22.17 -1.74
C GLY D 140 37.54 22.63 -0.92
N CYS D 141 38.73 22.52 -1.51
CA CYS D 141 39.96 22.85 -0.79
C CYS D 141 40.95 23.60 -1.67
N ASN D 142 40.80 23.46 -2.98
CA ASN D 142 41.68 24.09 -3.97
C ASN D 142 43.12 23.62 -3.88
N VAL D 143 43.92 23.90 -4.91
CA VAL D 143 45.31 23.49 -4.96
C VAL D 143 46.14 24.16 -3.85
N ASP D 144 45.69 25.35 -3.44
CA ASP D 144 46.37 26.12 -2.40
C ASP D 144 47.84 26.36 -2.73
N ARG E 78 -73.51 42.31 47.18
CA ARG E 78 -74.62 41.82 46.38
C ARG E 78 -75.54 40.92 47.22
N VAL E 79 -76.73 41.41 47.50
CA VAL E 79 -77.71 40.62 48.25
C VAL E 79 -78.15 39.40 47.44
N ARG E 80 -78.32 38.28 48.14
CA ARG E 80 -78.77 37.05 47.49
C ARG E 80 -80.25 36.80 47.69
N GLY E 81 -80.90 36.23 46.68
CA GLY E 81 -82.32 35.97 46.73
C GLY E 81 -82.91 35.80 45.34
N GLY E 82 -84.23 35.74 45.26
CA GLY E 82 -84.91 35.59 43.98
C GLY E 82 -86.29 36.20 43.98
N GLY E 83 -86.91 36.24 42.81
CA GLY E 83 -88.24 36.80 42.67
C GLY E 83 -88.22 38.32 42.60
N THR E 84 -87.89 38.95 43.72
CA THR E 84 -87.83 40.40 43.80
C THR E 84 -86.72 40.94 42.90
N HIS E 85 -86.98 42.07 42.26
CA HIS E 85 -86.01 42.68 41.34
C HIS E 85 -84.86 43.33 42.09
N ARG E 86 -85.03 43.51 43.40
CA ARG E 86 -84.01 44.12 44.24
C ARG E 86 -82.75 43.26 44.30
N SER E 87 -82.91 41.96 44.07
CA SER E 87 -81.80 41.03 44.10
C SER E 87 -80.74 41.36 43.06
N GLY E 88 -79.48 41.16 43.41
CA GLY E 88 -78.37 41.48 42.52
C GLY E 88 -77.91 42.91 42.62
N GLN E 89 -78.55 43.69 43.49
CA GLN E 89 -78.16 45.07 43.71
C GLN E 89 -77.08 45.18 44.79
N ALA G 1 12.82 5.60 8.69
CA ALA G 1 12.16 4.37 9.13
C ALA G 1 12.29 3.26 8.09
N ALA G 2 13.08 3.53 7.04
CA ALA G 2 13.30 2.56 5.98
C ALA G 2 14.03 1.32 6.50
N ASP G 3 14.84 1.51 7.54
CA ASP G 3 15.56 0.39 8.14
C ASP G 3 14.61 -0.63 8.73
N ARG G 4 13.47 -0.16 9.23
CA ARG G 4 12.43 -1.06 9.72
C ARG G 4 11.86 -1.88 8.56
N ASN G 5 11.76 -1.26 7.38
CA ASN G 5 11.34 -1.98 6.19
C ASN G 5 12.39 -3.00 5.76
N VAL G 6 13.65 -2.68 6.00
CA VAL G 6 14.73 -3.63 5.73
C VAL G 6 14.59 -4.82 6.67
N GLU G 7 14.19 -4.54 7.91
CA GLU G 7 13.91 -5.58 8.88
C GLU G 7 12.72 -6.42 8.44
N ILE G 8 11.77 -5.78 7.75
CA ILE G 8 10.61 -6.48 7.21
C ILE G 8 11.04 -7.41 6.09
N TRP G 9 12.00 -6.97 5.29
CA TRP G 9 12.56 -7.82 4.25
C TRP G 9 13.31 -9.00 4.88
N LYS G 10 13.94 -8.75 6.02
CA LYS G 10 14.59 -9.81 6.76
C LYS G 10 13.55 -10.80 7.27
N ILE G 11 12.38 -10.30 7.65
CA ILE G 11 11.28 -11.17 8.06
C ILE G 11 10.79 -12.01 6.89
N LYS G 12 10.81 -11.42 5.69
CA LYS G 12 10.41 -12.17 4.50
C LYS G 12 11.42 -13.27 4.20
N LYS G 13 12.70 -12.96 4.40
CA LYS G 13 13.75 -13.96 4.20
C LYS G 13 13.61 -15.08 5.22
N LEU G 14 13.18 -14.71 6.42
CA LEU G 14 12.93 -15.70 7.45
C LEU G 14 11.75 -16.58 7.08
N ILE G 15 10.72 -15.99 6.48
CA ILE G 15 9.56 -16.77 6.04
C ILE G 15 9.92 -17.72 4.90
N LYS G 16 10.83 -17.28 4.03
CA LYS G 16 11.24 -18.14 2.92
C LYS G 16 12.09 -19.30 3.40
N SER G 17 13.07 -18.99 4.26
CA SER G 17 13.93 -20.03 4.82
C SER G 17 13.14 -20.97 5.71
N LEU G 18 12.08 -20.46 6.31
CA LEU G 18 11.25 -21.23 7.23
C LEU G 18 10.35 -22.18 6.45
N GLU G 19 9.67 -21.66 5.44
CA GLU G 19 8.77 -22.46 4.61
C GLU G 19 9.54 -23.49 3.79
N ALA G 20 10.77 -23.15 3.41
CA ALA G 20 11.61 -24.08 2.67
C ALA G 20 11.98 -25.29 3.53
N ALA G 21 12.09 -25.06 4.83
CA ALA G 21 12.46 -26.11 5.77
C ALA G 21 11.36 -27.15 5.96
N ARG G 22 11.75 -28.40 6.10
CA ARG G 22 10.82 -29.50 6.36
C ARG G 22 11.49 -30.56 7.23
N GLY G 23 10.69 -31.38 7.89
CA GLY G 23 11.21 -32.44 8.74
C GLY G 23 10.33 -33.67 8.75
N ASN G 24 10.96 -34.84 8.79
CA ASN G 24 10.24 -36.11 8.82
C ASN G 24 9.41 -36.29 10.08
N GLY G 25 8.24 -36.90 9.93
CA GLY G 25 7.39 -37.20 11.08
C GLY G 25 6.59 -36.03 11.60
N THR G 26 5.93 -36.24 12.72
CA THR G 26 5.12 -35.21 13.36
C THR G 26 5.94 -34.42 14.37
N SER G 27 7.24 -34.69 14.40
CA SER G 27 8.15 -34.08 15.37
C SER G 27 8.20 -32.56 15.23
N MET G 28 7.97 -32.07 14.03
CA MET G 28 7.99 -30.64 13.76
C MET G 28 6.88 -29.95 14.54
N ILE G 29 7.14 -28.77 15.09
CA ILE G 29 6.14 -28.07 15.89
C ILE G 29 6.04 -26.59 15.58
N SER G 30 4.98 -26.23 14.85
CA SER G 30 4.59 -24.83 14.68
C SER G 30 3.80 -24.35 15.90
N LEU G 31 3.84 -23.05 16.16
CA LEU G 31 3.06 -22.46 17.25
C LEU G 31 2.84 -20.96 17.06
N ILE G 32 1.66 -20.48 17.43
CA ILE G 32 1.33 -19.06 17.35
C ILE G 32 0.51 -18.63 18.57
N ILE G 33 1.09 -17.75 19.38
CA ILE G 33 0.40 -17.24 20.56
C ILE G 33 -0.22 -15.87 20.30
N PRO G 34 -1.56 -15.79 20.39
CA PRO G 34 -2.41 -14.56 20.17
C PRO G 34 -2.13 -13.41 21.19
N PRO G 35 -2.28 -12.16 20.73
CA PRO G 35 -2.19 -10.90 21.55
C PRO G 35 -3.30 -10.81 22.64
N LYS G 36 -2.98 -10.20 23.77
CA LYS G 36 -3.93 -10.02 24.87
C LYS G 36 -4.44 -11.40 25.36
N ASP G 37 -3.49 -12.31 25.55
CA ASP G 37 -3.79 -13.63 26.11
C ASP G 37 -2.56 -14.15 26.83
N GLN G 38 -2.75 -14.63 28.06
CA GLN G 38 -1.62 -15.03 28.91
C GLN G 38 -0.84 -16.20 28.33
N ILE G 39 0.49 -16.11 28.44
CA ILE G 39 1.39 -17.16 27.98
C ILE G 39 1.25 -18.44 28.79
N SER G 40 0.93 -18.29 30.07
CA SER G 40 0.92 -19.42 31.00
C SER G 40 -0.11 -20.48 30.62
N ARG G 41 -1.25 -20.04 30.09
CA ARG G 41 -2.27 -20.98 29.65
C ARG G 41 -1.78 -21.79 28.45
N VAL G 42 -1.03 -21.12 27.57
CA VAL G 42 -0.43 -21.78 26.43
C VAL G 42 0.60 -22.79 26.91
N ALA G 43 1.27 -22.45 28.01
CA ALA G 43 2.22 -23.37 28.64
C ALA G 43 1.51 -24.58 29.23
N LYS G 44 0.29 -24.37 29.70
CA LYS G 44 -0.50 -25.46 30.26
C LYS G 44 -0.97 -26.41 29.17
N MET G 45 -1.50 -25.85 28.09
CA MET G 45 -1.95 -26.68 26.97
C MET G 45 -0.77 -27.39 26.32
N LEU G 46 0.38 -26.72 26.29
CA LEU G 46 1.59 -27.32 25.77
C LEU G 46 2.05 -28.46 26.68
N ALA G 47 1.80 -28.30 27.98
CA ALA G 47 2.10 -29.36 28.93
C ALA G 47 1.19 -30.56 28.69
N ASP G 48 -0.06 -30.27 28.33
CA ASP G 48 -1.00 -31.33 27.98
C ASP G 48 -0.54 -32.04 26.71
N GLU G 49 0.05 -31.29 25.80
CA GLU G 49 0.65 -31.88 24.61
C GLU G 49 1.85 -32.74 24.97
N PHE G 50 2.57 -32.33 26.00
CA PHE G 50 3.70 -33.11 26.51
C PHE G 50 3.21 -34.42 27.12
N GLY G 51 2.02 -34.38 27.72
CA GLY G 51 1.42 -35.57 28.26
C GLY G 51 0.91 -36.49 27.16
N THR G 52 0.41 -35.88 26.09
CA THR G 52 -0.02 -36.64 24.92
C THR G 52 1.17 -37.30 24.24
N ALA G 53 2.33 -36.63 24.30
CA ALA G 53 3.54 -37.11 23.67
C ALA G 53 4.28 -38.14 24.54
N SER G 54 3.80 -38.32 25.77
CA SER G 54 4.44 -39.25 26.70
C SER G 54 4.35 -40.69 26.21
N ASN G 55 3.32 -40.98 25.40
CA ASN G 55 3.15 -42.31 24.83
C ASN G 55 3.04 -42.26 23.31
N ILE G 56 4.09 -42.73 22.64
CA ILE G 56 4.12 -42.74 21.18
C ILE G 56 4.66 -44.09 20.70
N LYS G 57 4.05 -44.64 19.67
CA LYS G 57 4.47 -45.94 19.14
C LYS G 57 5.64 -45.78 18.17
N SER G 58 6.74 -45.22 18.66
CA SER G 58 7.95 -45.04 17.86
C SER G 58 9.14 -44.78 18.77
N ARG G 59 10.35 -45.02 18.26
CA ARG G 59 11.56 -44.84 19.06
C ARG G 59 12.12 -43.44 18.90
N VAL G 60 12.79 -43.19 17.78
CA VAL G 60 13.46 -41.92 17.52
C VAL G 60 12.46 -40.76 17.47
N ASN G 61 11.27 -41.03 16.95
CA ASN G 61 10.25 -40.01 16.82
C ASN G 61 9.79 -39.48 18.17
N ARG G 62 9.78 -40.35 19.17
CA ARG G 62 9.37 -39.96 20.52
C ARG G 62 10.37 -38.99 21.13
N LEU G 63 11.64 -39.33 21.02
CA LEU G 63 12.71 -38.47 21.54
C LEU G 63 12.79 -37.16 20.76
N SER G 64 12.43 -37.21 19.48
CA SER G 64 12.46 -36.01 18.65
C SER G 64 11.32 -35.06 19.02
N VAL G 65 10.13 -35.62 19.22
CA VAL G 65 8.98 -34.80 19.63
C VAL G 65 9.21 -34.23 21.02
N LEU G 66 9.66 -35.07 21.94
CA LEU G 66 9.90 -34.63 23.30
C LEU G 66 11.02 -33.60 23.35
N GLY G 67 12.00 -33.75 22.47
CA GLY G 67 13.10 -32.81 22.39
C GLY G 67 12.67 -31.47 21.83
N ALA G 68 11.76 -31.51 20.85
CA ALA G 68 11.19 -30.28 20.32
C ALA G 68 10.33 -29.58 21.37
N ILE G 69 9.69 -30.39 22.22
CA ILE G 69 8.88 -29.84 23.30
C ILE G 69 9.76 -29.16 24.35
N THR G 70 10.86 -29.82 24.69
CA THR G 70 11.81 -29.22 25.63
C THR G 70 12.43 -27.97 25.02
N SER G 71 12.57 -27.97 23.70
CA SER G 71 13.14 -26.81 23.01
C SER G 71 12.21 -25.62 23.06
N VAL G 72 10.93 -25.83 22.73
CA VAL G 72 9.96 -24.73 22.78
C VAL G 72 9.72 -24.28 24.22
N GLN G 73 9.83 -25.20 25.17
CA GLN G 73 9.67 -24.85 26.58
C GLN G 73 10.81 -23.97 27.08
N GLN G 74 12.05 -24.40 26.80
CA GLN G 74 13.20 -23.61 27.22
C GLN G 74 13.25 -22.26 26.49
N ARG G 75 12.81 -22.25 25.24
CA ARG G 75 12.77 -21.02 24.47
C ARG G 75 11.71 -20.06 24.99
N LEU G 76 10.60 -20.59 25.46
CA LEU G 76 9.48 -19.78 25.93
C LEU G 76 9.80 -19.03 27.22
N LYS G 77 10.71 -19.59 28.01
CA LYS G 77 11.01 -19.06 29.34
C LYS G 77 11.63 -17.67 29.35
N LEU G 78 12.29 -17.30 28.26
CA LEU G 78 12.96 -16.01 28.20
C LEU G 78 11.97 -14.85 28.29
N TYR G 79 10.78 -15.04 27.73
CA TYR G 79 9.72 -14.05 27.83
C TYR G 79 9.09 -14.03 29.21
N ASN G 80 8.63 -12.86 29.63
CA ASN G 80 7.94 -12.71 30.91
C ASN G 80 6.53 -12.18 30.74
N LYS G 81 6.31 -11.45 29.65
CA LYS G 81 5.01 -10.90 29.31
C LYS G 81 4.79 -10.98 27.81
N VAL G 82 3.53 -10.91 27.38
CA VAL G 82 3.21 -11.08 25.97
C VAL G 82 3.76 -9.94 25.13
N PRO G 83 4.56 -10.28 24.11
CA PRO G 83 5.17 -9.35 23.09
C PRO G 83 4.12 -8.64 22.19
N PRO G 84 4.42 -7.41 21.75
CA PRO G 84 3.56 -6.64 20.81
C PRO G 84 3.40 -7.34 19.44
N ASN G 85 2.24 -7.18 18.82
CA ASN G 85 1.88 -7.85 17.57
C ASN G 85 1.89 -9.38 17.73
N GLY G 86 1.62 -9.85 18.93
CA GLY G 86 1.52 -11.26 19.21
C GLY G 86 2.86 -11.97 19.30
N LEU G 87 2.82 -13.30 19.32
CA LEU G 87 4.04 -14.10 19.33
C LEU G 87 3.92 -15.22 18.31
N VAL G 88 5.04 -15.49 17.61
CA VAL G 88 5.06 -16.51 16.56
C VAL G 88 6.28 -17.40 16.72
N VAL G 89 6.07 -18.64 17.16
CA VAL G 89 7.18 -19.54 17.45
C VAL G 89 7.21 -20.75 16.51
N TYR G 90 8.40 -21.13 16.06
CA TYR G 90 8.55 -22.37 15.30
C TYR G 90 9.70 -23.21 15.86
N CYS G 91 9.51 -24.52 15.86
CA CYS G 91 10.50 -25.44 16.41
C CYS G 91 10.52 -26.73 15.60
N GLY G 92 11.64 -27.45 15.63
CA GLY G 92 11.72 -28.71 14.91
C GLY G 92 13.11 -29.32 14.82
N THR G 93 13.23 -30.31 13.95
CA THR G 93 14.50 -30.98 13.68
C THR G 93 14.64 -31.30 12.19
N ILE G 94 14.80 -30.23 11.41
CA ILE G 94 14.93 -30.33 9.96
C ILE G 94 16.24 -30.96 9.50
N VAL G 95 16.18 -31.58 8.33
CA VAL G 95 17.33 -32.23 7.72
C VAL G 95 17.83 -31.39 6.54
N THR G 96 19.13 -31.14 6.51
CA THR G 96 19.76 -30.32 5.48
C THR G 96 21.15 -30.84 5.12
N GLU G 97 21.75 -30.27 4.08
CA GLU G 97 23.09 -30.70 3.67
C GLU G 97 23.20 -32.18 3.31
N GLU G 98 22.48 -32.59 2.28
CA GLU G 98 22.50 -33.98 1.83
C GLU G 98 22.00 -34.98 2.87
N GLY G 99 20.91 -34.62 3.54
CA GLY G 99 20.30 -35.48 4.55
C GLY G 99 20.75 -35.24 5.97
N LYS G 100 21.68 -34.32 6.18
CA LYS G 100 22.12 -34.02 7.52
C LYS G 100 20.89 -33.45 8.23
N GLU G 101 20.65 -33.86 9.46
CA GLU G 101 19.50 -33.36 10.20
C GLU G 101 19.89 -32.66 11.50
N LYS G 102 19.36 -31.46 11.70
CA LYS G 102 19.66 -30.72 12.93
C LYS G 102 18.42 -30.05 13.52
N LYS G 103 18.44 -29.87 14.85
CA LYS G 103 17.33 -29.22 15.55
C LYS G 103 17.39 -27.73 15.24
N VAL G 104 16.23 -27.08 15.15
CA VAL G 104 16.21 -25.66 14.83
C VAL G 104 14.98 -24.98 15.41
N ASN G 105 15.17 -23.75 15.88
CA ASN G 105 14.07 -22.92 16.39
C ASN G 105 14.12 -21.56 15.71
N ILE G 106 12.95 -20.99 15.41
CA ILE G 106 12.90 -19.72 14.72
C ILE G 106 11.94 -18.75 15.39
N ASP G 107 12.47 -17.61 15.82
CA ASP G 107 11.67 -16.59 16.50
C ASP G 107 11.88 -15.21 15.91
N PHE G 108 10.79 -14.45 15.81
CA PHE G 108 10.85 -13.06 15.39
C PHE G 108 9.55 -12.36 15.77
N GLU G 109 9.62 -11.06 16.02
CA GLU G 109 8.41 -10.29 16.29
C GLU G 109 7.95 -9.60 15.02
N PRO G 110 6.75 -9.97 14.54
CA PRO G 110 6.21 -9.44 13.23
C PRO G 110 5.96 -7.89 13.23
N PHE G 111 6.23 -7.27 12.08
CA PHE G 111 5.91 -5.87 11.86
C PHE G 111 4.40 -5.65 11.85
N LYS G 112 3.68 -6.67 11.38
CA LYS G 112 2.23 -6.60 11.24
C LYS G 112 1.54 -7.57 12.19
N PRO G 113 0.72 -7.03 13.11
CA PRO G 113 -0.03 -7.83 14.14
C PRO G 113 -1.05 -8.83 13.55
N ILE G 114 -1.19 -9.98 14.20
CA ILE G 114 -2.17 -10.99 13.80
C ILE G 114 -2.90 -11.48 15.05
N ASN G 115 -4.19 -11.77 14.91
CA ASN G 115 -5.00 -12.17 16.05
C ASN G 115 -5.62 -13.55 15.87
N THR G 116 -4.80 -14.59 15.95
CA THR G 116 -5.27 -15.95 15.80
C THR G 116 -4.33 -16.96 16.47
N SER G 117 -4.89 -18.07 16.92
CA SER G 117 -4.10 -19.17 17.46
C SER G 117 -3.91 -20.25 16.39
N LEU G 118 -2.77 -20.90 16.41
CA LEU G 118 -2.50 -21.97 15.46
C LEU G 118 -1.43 -22.92 15.99
N TYR G 119 -1.88 -23.92 16.76
CA TYR G 119 -0.99 -25.00 17.17
C TYR G 119 -1.23 -26.21 16.28
N LEU G 120 -0.16 -26.76 15.71
CA LEU G 120 -0.28 -27.90 14.82
C LEU G 120 1.07 -28.59 14.64
N CYS G 121 1.33 -29.59 15.46
CA CYS G 121 2.60 -30.30 15.43
C CYS G 121 2.62 -31.42 14.39
N ASP G 122 2.63 -31.03 13.12
CA ASP G 122 2.69 -31.99 12.03
C ASP G 122 3.87 -31.67 11.11
N ASN G 123 4.08 -32.49 10.09
CA ASN G 123 5.16 -32.28 9.15
C ASN G 123 5.01 -31.00 8.33
N LYS G 124 6.14 -30.39 7.99
CA LYS G 124 6.20 -29.13 7.23
C LYS G 124 5.59 -27.95 7.98
N PHE G 125 6.34 -26.85 8.03
CA PHE G 125 5.85 -25.64 8.67
C PHE G 125 4.63 -25.05 7.98
N HIS G 126 3.68 -24.59 8.80
CA HIS G 126 2.43 -24.04 8.30
C HIS G 126 2.45 -22.51 8.34
N THR G 127 3.30 -21.93 7.49
CA THR G 127 3.53 -20.49 7.49
C THR G 127 2.50 -19.71 6.67
N GLU G 128 1.57 -20.43 6.05
CA GLU G 128 0.61 -19.81 5.16
C GLU G 128 -0.25 -18.76 5.86
N ALA G 129 -0.53 -18.99 7.15
CA ALA G 129 -1.31 -18.05 7.94
C ALA G 129 -0.59 -16.71 8.06
N LEU G 130 0.73 -16.76 8.01
CA LEU G 130 1.54 -15.55 8.08
C LEU G 130 1.63 -14.84 6.73
N THR G 131 1.22 -15.51 5.65
CA THR G 131 1.35 -14.93 4.32
C THR G 131 0.51 -13.66 4.16
N ALA G 132 -0.61 -13.62 4.87
CA ALA G 132 -1.47 -12.44 4.84
C ALA G 132 -0.72 -11.24 5.41
N LEU G 133 0.17 -11.50 6.36
CA LEU G 133 1.00 -10.45 6.94
C LEU G 133 2.02 -9.93 5.93
N LEU G 134 2.40 -10.77 4.98
CA LEU G 134 3.43 -10.41 4.00
C LEU G 134 2.97 -9.26 3.11
N SER G 135 1.67 -9.20 2.86
CA SER G 135 1.10 -8.11 2.07
C SER G 135 1.10 -6.81 2.88
N ASP G 136 1.24 -5.69 2.20
CA ASP G 136 1.15 -4.38 2.86
C ASP G 136 -0.30 -3.98 3.02
N ASP G 137 -1.01 -4.67 3.90
CA ASP G 137 -2.43 -4.44 4.10
C ASP G 137 -2.68 -3.04 4.67
N SER G 138 -3.67 -2.34 4.12
CA SER G 138 -4.07 -1.04 4.62
C SER G 138 -4.84 -1.20 5.93
N LYS G 139 -4.68 -0.23 6.83
CA LYS G 139 -5.48 -0.20 8.05
C LYS G 139 -6.94 0.04 7.67
N PHE G 140 -7.85 -0.62 8.39
CA PHE G 140 -9.27 -0.54 8.07
C PHE G 140 -10.06 0.10 9.21
N GLY G 141 -9.88 1.40 9.41
CA GLY G 141 -10.58 2.12 10.44
C GLY G 141 -12.08 2.12 10.23
N PHE G 142 -12.81 1.66 11.23
CA PHE G 142 -14.25 1.56 11.16
C PHE G 142 -14.92 2.39 12.25
N ILE G 143 -15.85 3.25 11.84
CA ILE G 143 -16.61 4.04 12.80
C ILE G 143 -17.95 3.38 13.07
N VAL G 144 -18.23 3.12 14.35
CA VAL G 144 -19.49 2.51 14.75
C VAL G 144 -20.37 3.51 15.49
N ILE G 145 -21.20 4.21 14.73
CA ILE G 145 -22.11 5.20 15.30
C ILE G 145 -23.19 4.54 16.17
N ASP G 146 -23.56 5.22 17.25
CA ASP G 146 -24.62 4.75 18.13
C ASP G 146 -25.30 5.98 18.75
N GLY G 147 -26.49 5.78 19.32
CA GLY G 147 -27.22 6.87 19.93
C GLY G 147 -26.63 7.19 21.29
N SER G 148 -25.75 6.33 21.77
CA SER G 148 -25.02 6.56 23.01
C SER G 148 -23.53 6.53 22.75
N GLY G 149 -23.03 7.58 22.09
CA GLY G 149 -21.63 7.65 21.72
C GLY G 149 -21.32 6.85 20.48
N ALA G 150 -20.02 6.70 20.17
CA ALA G 150 -19.60 5.96 18.99
C ALA G 150 -18.28 5.24 19.24
N LEU G 151 -18.05 4.17 18.48
CA LEU G 151 -16.87 3.34 18.65
C LEU G 151 -15.94 3.43 17.45
N PHE G 152 -14.85 4.17 17.60
CA PHE G 152 -13.84 4.27 16.56
C PHE G 152 -12.89 3.07 16.61
N GLY G 153 -13.35 1.96 16.04
CA GLY G 153 -12.55 0.75 15.96
C GLY G 153 -11.73 0.68 14.69
N THR G 154 -11.05 -0.47 14.50
CA THR G 154 -10.26 -0.74 13.30
C THR G 154 -10.25 -2.24 12.98
N LEU G 155 -9.75 -2.56 11.80
CA LEU G 155 -9.59 -3.96 11.38
C LEU G 155 -8.29 -4.11 10.61
N GLN G 156 -7.67 -5.27 10.72
CA GLN G 156 -6.40 -5.51 10.04
C GLN G 156 -6.26 -6.98 9.69
N GLY G 157 -7.08 -7.43 8.74
CA GLY G 157 -7.13 -8.82 8.35
C GLY G 157 -7.85 -9.65 9.38
N ASN G 158 -7.23 -9.83 10.54
CA ASN G 158 -7.82 -10.60 11.63
C ASN G 158 -7.78 -9.76 12.92
N THR G 159 -6.81 -8.86 13.01
CA THR G 159 -6.59 -8.10 14.23
C THR G 159 -7.58 -6.94 14.37
N ARG G 160 -8.68 -7.19 15.06
CA ARG G 160 -9.61 -6.12 15.43
C ARG G 160 -8.96 -5.24 16.49
N GLU G 161 -9.25 -3.95 16.44
CA GLU G 161 -8.71 -3.02 17.42
C GLU G 161 -9.56 -1.77 17.53
N VAL G 162 -10.01 -1.46 18.75
CA VAL G 162 -10.82 -0.29 19.01
C VAL G 162 -9.94 0.89 19.44
N LEU G 163 -9.67 1.80 18.51
CA LEU G 163 -8.85 2.97 18.82
C LEU G 163 -9.51 3.90 19.83
N HIS G 164 -10.83 3.96 19.82
CA HIS G 164 -11.53 4.90 20.68
C HIS G 164 -12.98 4.47 20.96
N LYS G 165 -13.50 4.89 22.11
CA LYS G 165 -14.90 4.63 22.45
C LYS G 165 -15.40 5.65 23.48
N PHE G 166 -16.69 5.97 23.40
CA PHE G 166 -17.27 6.97 24.29
C PHE G 166 -18.80 6.87 24.30
N THR G 167 -19.42 7.61 25.22
CA THR G 167 -20.87 7.69 25.29
C THR G 167 -21.31 9.12 25.62
N VAL G 168 -22.48 9.51 25.13
CA VAL G 168 -23.00 10.86 25.32
C VAL G 168 -24.49 10.87 25.59
N ASP G 169 -24.95 11.87 26.34
CA ASP G 169 -26.37 12.05 26.61
C ASP G 169 -27.13 12.39 25.34
N LEU G 170 -28.35 11.87 25.20
CA LEU G 170 -29.16 12.11 24.02
C LEU G 170 -30.48 12.78 24.39
N PRO G 171 -30.79 13.90 23.71
CA PRO G 171 -32.05 14.71 23.86
C PRO G 171 -33.34 13.90 23.57
N LYS G 172 -33.23 12.93 22.67
CA LYS G 172 -34.28 11.94 22.34
C LYS G 172 -35.65 12.55 22.08
N LYS G 173 -36.69 11.77 22.32
CA LYS G 173 -38.07 12.18 22.04
C LYS G 173 -38.50 13.39 22.85
N HIS G 174 -39.34 14.22 22.26
CA HIS G 174 -39.86 15.40 22.93
C HIS G 174 -40.75 15.03 24.11
N GLY G 175 -41.29 13.81 24.08
CA GLY G 175 -42.12 13.32 25.17
C GLY G 175 -43.45 14.02 25.21
N ARG G 176 -44.05 14.08 26.39
CA ARG G 176 -45.31 14.81 26.57
C ARG G 176 -45.09 16.29 26.29
N GLY G 177 -43.89 16.78 26.62
CA GLY G 177 -43.47 18.12 26.27
C GLY G 177 -44.38 19.22 26.78
N GLY G 178 -44.69 20.15 25.88
CA GLY G 178 -45.58 21.26 26.19
C GLY G 178 -46.16 21.82 24.91
N GLN G 179 -46.69 23.04 24.98
CA GLN G 179 -47.23 23.70 23.80
C GLN G 179 -46.12 23.99 22.78
N SER G 180 -44.90 24.08 23.26
CA SER G 180 -43.75 24.35 22.41
C SER G 180 -42.71 23.24 22.50
N ALA G 181 -43.11 22.02 22.13
CA ALA G 181 -42.18 20.90 22.08
C ALA G 181 -41.16 21.08 20.94
N LEU G 182 -41.53 21.91 19.97
CA LEU G 182 -40.69 22.12 18.80
C LEU G 182 -39.33 22.73 19.16
N ARG G 183 -39.29 23.57 20.19
CA ARG G 183 -38.00 24.09 20.63
C ARG G 183 -37.16 22.99 21.27
N PHE G 184 -37.82 22.02 21.90
CA PHE G 184 -37.11 20.85 22.40
C PHE G 184 -36.55 20.06 21.24
N ALA G 185 -37.29 20.06 20.13
CA ALA G 185 -36.80 19.44 18.90
C ALA G 185 -35.62 20.23 18.34
N ARG G 186 -35.59 21.54 18.61
CA ARG G 186 -34.50 22.39 18.16
C ARG G 186 -33.23 22.12 18.96
N LEU G 187 -33.38 21.96 20.28
CA LEU G 187 -32.25 21.58 21.12
C LEU G 187 -31.78 20.17 20.76
N ARG G 188 -32.72 19.34 20.33
CA ARG G 188 -32.39 17.99 19.89
C ARG G 188 -31.52 18.05 18.64
N MET G 189 -31.97 18.84 17.68
CA MET G 189 -31.24 19.03 16.43
C MET G 189 -29.89 19.66 16.68
N GLU G 190 -29.82 20.48 17.73
CA GLU G 190 -28.58 21.15 18.10
C GLU G 190 -27.56 20.19 18.69
N LYS G 191 -28.01 19.34 19.62
CA LYS G 191 -27.11 18.34 20.21
C LYS G 191 -26.69 17.31 19.17
N ARG G 192 -27.60 16.98 18.26
CA ARG G 192 -27.26 16.09 17.14
C ARG G 192 -26.25 16.77 16.23
N HIS G 193 -26.36 18.09 16.12
CA HIS G 193 -25.49 18.88 15.25
C HIS G 193 -24.08 18.94 15.80
N ASN G 194 -23.98 19.17 17.12
CA ASN G 194 -22.69 19.14 17.79
C ASN G 194 -22.10 17.74 17.75
N TYR G 195 -22.96 16.74 17.79
CA TYR G 195 -22.52 15.36 17.64
C TYR G 195 -21.93 15.14 16.25
N VAL G 196 -22.52 15.80 15.25
CA VAL G 196 -21.97 15.78 13.90
C VAL G 196 -20.64 16.53 13.85
N ARG G 197 -20.48 17.52 14.73
CA ARG G 197 -19.28 18.35 14.69
C ARG G 197 -18.09 17.82 15.47
N LYS G 198 -18.13 17.93 16.80
CA LYS G 198 -16.95 17.67 17.61
C LYS G 198 -16.47 16.22 17.51
N VAL G 199 -17.40 15.29 17.34
CA VAL G 199 -17.06 13.88 17.22
C VAL G 199 -16.33 13.59 15.92
N ALA G 200 -16.88 14.07 14.81
CA ALA G 200 -16.27 13.86 13.50
C ALA G 200 -14.94 14.60 13.39
N GLU G 201 -14.84 15.76 14.04
CA GLU G 201 -13.59 16.49 14.08
C GLU G 201 -12.56 15.74 14.89
N THR G 202 -13.02 15.06 15.94
CA THR G 202 -12.14 14.20 16.73
C THR G 202 -11.67 13.05 15.85
N ALA G 203 -12.54 12.58 14.97
CA ALA G 203 -12.16 11.57 14.00
C ALA G 203 -11.11 12.12 13.03
N VAL G 204 -11.22 13.40 12.70
CA VAL G 204 -10.22 14.04 11.85
C VAL G 204 -8.89 14.07 12.59
N GLN G 205 -8.95 14.24 13.91
CA GLN G 205 -7.75 14.18 14.74
C GLN G 205 -7.17 12.76 14.82
N LEU G 206 -8.04 11.76 14.70
CA LEU G 206 -7.64 10.38 14.96
C LEU G 206 -7.49 9.47 13.72
N PHE G 207 -7.71 10.02 12.53
CA PHE G 207 -7.58 9.20 11.32
C PHE G 207 -6.68 9.82 10.25
N ILE G 208 -7.12 10.91 9.65
CA ILE G 208 -6.40 11.51 8.52
C ILE G 208 -5.03 12.05 8.96
N SER G 209 -4.92 12.38 10.24
CA SER G 209 -3.67 12.89 10.82
C SER G 209 -3.20 14.18 10.14
N GLY G 210 -2.49 14.04 9.02
CA GLY G 210 -1.95 15.19 8.33
C GLY G 210 -1.95 15.07 6.81
N ASP G 211 -3.11 15.25 6.20
CA ASP G 211 -3.27 15.23 4.75
C ASP G 211 -2.72 13.96 4.10
N LYS G 212 -2.86 12.85 4.79
CA LYS G 212 -2.44 11.55 4.26
C LYS G 212 -3.28 10.45 4.89
N VAL G 213 -3.94 9.66 4.05
CA VAL G 213 -4.85 8.62 4.54
C VAL G 213 -4.10 7.56 5.35
N ASN G 214 -4.68 7.20 6.49
CA ASN G 214 -4.15 6.12 7.30
C ASN G 214 -5.08 4.91 7.29
N VAL G 215 -6.25 5.08 6.68
CA VAL G 215 -7.26 4.03 6.63
C VAL G 215 -7.98 4.01 5.28
N ALA G 216 -8.37 2.82 4.84
CA ALA G 216 -9.13 2.66 3.61
C ALA G 216 -10.58 2.30 3.92
N GLY G 217 -10.92 2.24 5.20
CA GLY G 217 -12.24 1.82 5.63
C GLY G 217 -13.25 2.95 5.74
N LEU G 218 -13.35 3.53 6.93
CA LEU G 218 -14.30 4.58 7.25
C LEU G 218 -15.74 4.07 6.99
N VAL G 219 -15.92 2.76 7.20
CA VAL G 219 -17.23 2.14 7.02
C VAL G 219 -18.22 2.64 8.08
N LEU G 220 -19.43 2.96 7.64
CA LEU G 220 -20.50 3.32 8.57
C LEU G 220 -21.06 2.06 9.25
N ALA G 221 -21.52 2.22 10.48
CA ALA G 221 -22.06 1.11 11.24
C ALA G 221 -22.89 1.60 12.43
N GLY G 222 -24.21 1.66 12.25
CA GLY G 222 -25.08 2.14 13.31
C GLY G 222 -26.50 1.65 13.22
N SER G 223 -27.02 1.15 14.34
CA SER G 223 -28.42 0.75 14.44
C SER G 223 -29.31 1.97 14.28
N ALA G 224 -28.79 3.13 14.68
CA ALA G 224 -29.51 4.38 14.56
C ALA G 224 -29.30 4.99 13.17
N ASP G 225 -30.07 6.03 12.87
CA ASP G 225 -30.08 6.64 11.54
C ASP G 225 -28.95 7.65 11.32
N PHE G 226 -28.12 7.88 12.33
CA PHE G 226 -27.10 8.92 12.25
C PHE G 226 -26.14 8.69 11.08
N LYS G 227 -25.85 7.43 10.78
CA LYS G 227 -24.93 7.12 9.70
C LYS G 227 -25.49 7.63 8.38
N THR G 228 -26.82 7.58 8.25
CA THR G 228 -27.47 8.06 7.03
C THR G 228 -27.25 9.57 6.88
N GLU G 229 -27.21 10.28 8.01
CA GLU G 229 -26.95 11.71 7.96
C GLU G 229 -25.47 11.99 8.11
N LEU G 230 -24.68 10.93 8.29
CA LEU G 230 -23.24 11.11 8.42
C LEU G 230 -22.61 11.27 7.04
N SER G 231 -22.84 10.29 6.18
CA SER G 231 -22.35 10.34 4.81
C SER G 231 -23.02 11.45 4.02
N GLN G 232 -24.25 11.78 4.40
CA GLN G 232 -25.01 12.83 3.72
C GLN G 232 -24.93 14.15 4.47
N SER G 233 -23.71 14.68 4.61
CA SER G 233 -23.50 15.96 5.27
C SER G 233 -22.21 16.63 4.80
N ASP G 234 -22.24 17.96 4.74
CA ASP G 234 -21.07 18.74 4.35
C ASP G 234 -19.97 18.69 5.40
N MET G 235 -20.35 18.38 6.64
CA MET G 235 -19.44 18.39 7.76
C MET G 235 -18.62 17.10 7.83
N PHE G 236 -18.96 16.14 6.96
CA PHE G 236 -18.37 14.81 7.00
C PHE G 236 -16.85 14.83 6.76
N ASP G 237 -16.42 14.67 5.51
CA ASP G 237 -15.00 14.55 5.18
C ASP G 237 -14.65 15.12 3.81
N GLN G 238 -13.42 15.62 3.68
CA GLN G 238 -12.87 15.95 2.37
C GLN G 238 -12.12 14.73 1.84
N ARG G 239 -12.28 14.46 0.54
CA ARG G 239 -11.62 13.32 -0.13
C ARG G 239 -12.04 11.96 0.43
N LEU G 240 -12.08 11.84 1.75
CA LEU G 240 -12.36 10.58 2.44
C LEU G 240 -13.78 10.07 2.18
N GLN G 241 -14.65 10.97 1.73
CA GLN G 241 -16.05 10.61 1.48
C GLN G 241 -16.18 9.53 0.40
N SER G 242 -15.22 9.50 -0.52
CA SER G 242 -15.22 8.50 -1.59
C SER G 242 -14.75 7.14 -1.08
N LYS G 243 -14.13 7.14 0.10
CA LYS G 243 -13.56 5.91 0.66
C LYS G 243 -14.60 5.07 1.39
N VAL G 244 -15.81 5.60 1.52
CA VAL G 244 -16.89 4.90 2.22
C VAL G 244 -17.25 3.60 1.50
N LEU G 245 -17.49 2.54 2.27
CA LEU G 245 -17.79 1.23 1.70
C LEU G 245 -19.29 1.00 1.58
N LYS G 246 -19.91 0.55 2.67
CA LYS G 246 -21.34 0.25 2.67
C LYS G 246 -21.90 0.31 4.08
N LEU G 247 -23.20 0.61 4.19
CA LEU G 247 -23.88 0.68 5.47
C LEU G 247 -23.89 -0.68 6.17
N VAL G 248 -23.73 -0.67 7.48
CA VAL G 248 -23.72 -1.91 8.26
C VAL G 248 -24.67 -1.83 9.45
N ASP G 249 -25.85 -2.41 9.31
CA ASP G 249 -26.83 -2.48 10.39
C ASP G 249 -26.32 -3.38 11.53
N ILE G 250 -26.61 -2.99 12.75
CA ILE G 250 -26.19 -3.76 13.93
C ILE G 250 -27.35 -3.97 14.92
N SER G 251 -27.87 -5.18 14.95
CA SER G 251 -29.05 -5.50 15.75
C SER G 251 -28.81 -5.36 17.25
N TYR G 252 -27.60 -5.71 17.70
CA TYR G 252 -27.27 -5.62 19.12
C TYR G 252 -26.69 -4.27 19.50
N GLY G 253 -25.87 -3.72 18.62
CA GLY G 253 -25.21 -2.46 18.89
C GLY G 253 -23.96 -2.66 19.72
N GLY G 254 -23.23 -1.58 19.96
CA GLY G 254 -22.06 -1.65 20.83
C GLY G 254 -20.91 -2.43 20.23
N GLU G 255 -20.05 -2.95 21.11
CA GLU G 255 -18.88 -3.71 20.67
C GLU G 255 -19.29 -4.98 19.94
N ASN G 256 -20.42 -5.57 20.32
CA ASN G 256 -20.95 -6.73 19.63
C ASN G 256 -21.34 -6.33 18.20
N GLY G 257 -21.83 -5.11 18.07
CA GLY G 257 -22.20 -4.57 16.78
C GLY G 257 -20.97 -4.37 15.94
N PHE G 258 -19.88 -3.95 16.59
CA PHE G 258 -18.59 -3.85 15.91
C PHE G 258 -18.12 -5.24 15.48
N ASN G 259 -18.45 -6.25 16.27
CA ASN G 259 -18.07 -7.62 15.97
C ASN G 259 -18.78 -8.18 14.74
N GLN G 260 -20.07 -7.90 14.62
CA GLN G 260 -20.78 -8.26 13.39
C GLN G 260 -20.25 -7.42 12.23
N ALA G 261 -19.87 -6.19 12.58
CA ALA G 261 -19.35 -5.24 11.61
C ALA G 261 -18.02 -5.74 11.08
N ILE G 262 -17.35 -6.62 11.82
CA ILE G 262 -16.11 -7.21 11.34
C ILE G 262 -16.34 -8.03 10.07
N GLU G 263 -17.07 -9.13 10.17
CA GLU G 263 -17.25 -9.97 8.99
C GLU G 263 -18.05 -9.26 7.92
N LEU G 264 -19.02 -8.43 8.31
CA LEU G 264 -19.78 -7.70 7.29
C LEU G 264 -18.86 -6.76 6.53
N SER G 265 -17.89 -6.20 7.27
CA SER G 265 -16.87 -5.38 6.64
C SER G 265 -15.96 -6.24 5.78
N THR G 266 -15.88 -7.53 6.07
CA THR G 266 -15.05 -8.39 5.24
C THR G 266 -15.73 -8.62 3.89
N GLU G 267 -17.03 -8.92 3.89
CA GLU G 267 -17.69 -9.10 2.60
C GLU G 267 -17.78 -7.80 1.80
N VAL G 268 -18.08 -6.68 2.46
CA VAL G 268 -18.11 -5.42 1.72
C VAL G 268 -16.69 -5.05 1.28
N LEU G 269 -15.70 -5.53 2.03
CA LEU G 269 -14.31 -5.37 1.61
C LEU G 269 -14.05 -6.17 0.35
N SER G 270 -14.70 -7.31 0.21
CA SER G 270 -14.60 -8.08 -1.03
C SER G 270 -15.24 -7.28 -2.16
N ASN G 271 -16.30 -6.56 -1.82
CA ASN G 271 -17.00 -5.75 -2.82
C ASN G 271 -16.10 -4.63 -3.31
N VAL G 272 -15.51 -3.87 -2.38
CA VAL G 272 -14.65 -2.77 -2.77
C VAL G 272 -13.33 -3.25 -3.38
N LYS G 273 -12.90 -4.46 -3.07
CA LYS G 273 -11.79 -5.06 -3.81
C LYS G 273 -12.22 -5.31 -5.24
N PHE G 274 -13.50 -5.64 -5.43
CA PHE G 274 -14.01 -5.81 -6.79
C PHE G 274 -14.03 -4.49 -7.55
N ILE G 275 -14.48 -3.42 -6.89
CA ILE G 275 -14.45 -2.10 -7.54
C ILE G 275 -13.01 -1.65 -7.81
N GLN G 276 -12.12 -1.92 -6.88
CA GLN G 276 -10.71 -1.54 -7.02
C GLN G 276 -10.06 -2.31 -8.16
N GLU G 277 -10.50 -3.54 -8.35
CA GLU G 277 -9.96 -4.39 -9.41
C GLU G 277 -10.45 -3.90 -10.76
N LYS G 278 -11.76 -3.66 -10.83
CA LYS G 278 -12.39 -3.20 -12.06
C LYS G 278 -11.89 -1.82 -12.46
N LYS G 279 -11.50 -1.02 -11.47
CA LYS G 279 -10.96 0.31 -11.74
C LYS G 279 -9.50 0.26 -12.16
N LEU G 280 -8.71 -0.53 -11.44
CA LEU G 280 -7.28 -0.64 -11.72
C LEU G 280 -7.03 -1.27 -13.08
N ILE G 281 -7.92 -2.17 -13.49
CA ILE G 281 -7.82 -2.78 -14.80
C ILE G 281 -8.54 -1.91 -15.84
N GLY G 282 -9.59 -1.21 -15.39
CA GLY G 282 -10.40 -0.41 -16.27
C GLY G 282 -9.67 0.81 -16.79
N ARG G 283 -8.79 1.38 -15.99
CA ARG G 283 -7.95 2.47 -16.46
C ARG G 283 -7.02 1.97 -17.55
N TYR G 284 -6.58 0.73 -17.41
CA TYR G 284 -5.78 0.09 -18.43
C TYR G 284 -6.59 -0.14 -19.70
N PHE G 285 -7.89 -0.41 -19.54
CA PHE G 285 -8.79 -0.48 -20.68
C PHE G 285 -8.90 0.88 -21.36
N ASP G 286 -8.89 1.93 -20.56
CA ASP G 286 -8.93 3.28 -21.10
C ASP G 286 -7.65 3.59 -21.86
N GLU G 287 -6.55 3.02 -21.40
CA GLU G 287 -5.28 3.11 -22.12
C GLU G 287 -5.32 2.33 -23.43
N ILE G 288 -6.05 1.21 -23.42
CA ILE G 288 -6.25 0.41 -24.63
C ILE G 288 -7.08 1.18 -25.64
N SER G 289 -8.01 2.00 -25.13
CA SER G 289 -8.91 2.75 -25.99
C SER G 289 -8.18 3.79 -26.84
N GLN G 290 -7.09 4.33 -26.31
CA GLN G 290 -6.31 5.33 -27.03
C GLN G 290 -5.55 4.72 -28.21
N ASP G 291 -5.49 5.46 -29.31
CA ASP G 291 -4.68 5.07 -30.46
C ASP G 291 -3.23 5.49 -30.26
N THR G 292 -2.98 6.25 -29.20
CA THR G 292 -1.66 6.77 -28.90
C THR G 292 -0.67 5.65 -28.59
N GLY G 293 -1.18 4.50 -28.16
CA GLY G 293 -0.35 3.35 -27.89
C GLY G 293 0.35 3.37 -26.54
N LYS G 294 -0.10 4.23 -25.64
CA LYS G 294 0.51 4.30 -24.31
C LYS G 294 0.10 3.11 -23.46
N TYR G 295 0.51 1.92 -23.88
CA TYR G 295 0.23 0.70 -23.14
C TYR G 295 1.18 -0.42 -23.57
N CYS G 296 1.28 -1.46 -22.75
CA CYS G 296 2.14 -2.59 -23.07
C CYS G 296 1.60 -3.88 -22.46
N PHE G 297 1.93 -5.01 -23.10
CA PHE G 297 1.48 -6.31 -22.63
C PHE G 297 2.40 -7.43 -23.08
N GLY G 298 2.36 -8.55 -22.36
CA GLY G 298 3.19 -9.70 -22.68
C GLY G 298 4.58 -9.59 -22.07
N VAL G 299 5.36 -10.66 -22.23
CA VAL G 299 6.73 -10.69 -21.71
C VAL G 299 7.71 -10.03 -22.67
N GLU G 300 7.23 -9.65 -23.85
CA GLU G 300 8.08 -9.10 -24.89
C GLU G 300 8.49 -7.66 -24.61
N ASP G 301 7.71 -6.72 -25.14
CA ASP G 301 8.04 -5.31 -25.07
C ASP G 301 8.04 -4.75 -23.65
N THR G 302 7.27 -5.37 -22.77
CA THR G 302 7.10 -4.86 -21.41
C THR G 302 8.42 -4.83 -20.62
N LEU G 303 9.29 -5.81 -20.87
CA LEU G 303 10.57 -5.86 -20.19
C LEU G 303 11.49 -4.73 -20.66
N LYS G 304 11.49 -4.47 -21.96
CA LYS G 304 12.26 -3.37 -22.51
C LYS G 304 11.70 -2.04 -22.00
N ALA G 305 10.39 -2.01 -21.79
CA ALA G 305 9.74 -0.84 -21.21
C ALA G 305 10.17 -0.64 -19.77
N LEU G 306 10.43 -1.75 -19.08
CA LEU G 306 10.97 -1.71 -17.73
C LEU G 306 12.42 -1.22 -17.74
N GLU G 307 13.12 -1.54 -18.83
CA GLU G 307 14.51 -1.11 -18.98
C GLU G 307 14.62 0.40 -19.14
N MET G 308 13.57 1.01 -19.70
CA MET G 308 13.52 2.46 -19.86
C MET G 308 12.73 3.10 -18.73
N GLY G 309 12.07 4.22 -19.02
CA GLY G 309 11.27 4.91 -18.04
C GLY G 309 10.16 4.01 -17.53
N ALA G 310 9.93 4.07 -16.22
CA ALA G 310 8.99 3.17 -15.56
C ALA G 310 7.58 3.32 -16.10
N VAL G 311 6.87 2.20 -16.21
CA VAL G 311 5.48 2.21 -16.64
C VAL G 311 4.65 2.98 -15.61
N GLU G 312 3.66 3.73 -16.08
CA GLU G 312 2.85 4.55 -15.19
C GLU G 312 2.09 3.68 -14.21
N ILE G 313 1.65 2.50 -14.64
CA ILE G 313 0.96 1.56 -13.75
C ILE G 313 1.26 0.11 -14.12
N LEU G 314 2.21 -0.51 -13.42
CA LEU G 314 2.52 -1.92 -13.64
C LEU G 314 1.34 -2.80 -13.23
N ILE G 315 1.04 -3.82 -14.03
CA ILE G 315 -0.09 -4.71 -13.76
C ILE G 315 0.27 -6.17 -14.07
N VAL G 316 0.45 -6.96 -13.02
CA VAL G 316 0.87 -8.35 -13.20
C VAL G 316 0.04 -9.31 -12.33
N TYR G 317 -0.41 -10.41 -12.94
CA TYR G 317 -1.18 -11.43 -12.23
C TYR G 317 -0.29 -12.24 -11.30
N GLU G 318 -0.88 -12.78 -10.24
CA GLU G 318 -0.15 -13.54 -9.22
C GLU G 318 0.64 -14.71 -9.81
N ASN G 319 -0.05 -15.80 -10.13
CA ASN G 319 0.60 -16.99 -10.67
C ASN G 319 1.23 -16.71 -12.04
N LEU G 320 2.40 -17.28 -12.27
CA LEU G 320 3.13 -17.05 -13.51
C LEU G 320 4.23 -18.10 -13.67
N ASP G 321 4.02 -19.03 -14.60
CA ASP G 321 4.90 -20.19 -14.78
C ASP G 321 6.31 -19.81 -15.25
N ILE G 322 6.43 -18.70 -15.96
CA ILE G 322 7.73 -18.25 -16.46
C ILE G 322 8.65 -17.91 -15.28
N MET G 323 9.92 -18.29 -15.40
CA MET G 323 10.89 -18.01 -14.34
C MET G 323 12.16 -17.42 -14.92
N ARG G 324 12.73 -16.44 -14.21
CA ARG G 324 13.95 -15.79 -14.67
C ARG G 324 15.19 -16.56 -14.20
N TYR G 325 15.48 -17.67 -14.88
CA TYR G 325 16.70 -18.42 -14.59
C TYR G 325 17.89 -17.75 -15.27
N VAL G 326 18.97 -17.55 -14.52
CA VAL G 326 20.17 -16.92 -15.05
C VAL G 326 20.91 -17.82 -16.03
N LEU G 327 21.53 -17.21 -17.04
CA LEU G 327 22.36 -17.95 -17.98
C LEU G 327 23.81 -17.49 -17.87
N HIS G 328 24.49 -17.95 -16.83
CA HIS G 328 25.87 -17.56 -16.58
C HIS G 328 26.81 -18.75 -16.67
N CYS G 329 27.77 -18.68 -17.60
CA CYS G 329 28.76 -19.75 -17.77
C CYS G 329 29.67 -19.84 -16.56
N GLN G 330 30.10 -21.06 -16.23
CA GLN G 330 31.01 -21.28 -15.12
C GLN G 330 32.35 -20.59 -15.36
N GLY G 331 32.73 -20.51 -16.63
CA GLY G 331 33.93 -19.79 -17.02
C GLY G 331 33.68 -18.31 -17.16
N THR G 332 32.42 -17.92 -17.05
CA THR G 332 31.97 -16.54 -17.20
C THR G 332 32.45 -15.91 -18.50
N GLU G 333 32.52 -16.72 -19.55
CA GLU G 333 32.95 -16.23 -20.85
C GLU G 333 31.80 -15.53 -21.60
N GLU G 334 30.59 -15.67 -21.08
CA GLU G 334 29.42 -15.08 -21.73
C GLU G 334 28.25 -14.96 -20.76
N GLU G 335 28.14 -13.81 -20.09
CA GLU G 335 27.00 -13.52 -19.23
C GLU G 335 25.73 -13.43 -20.08
N LYS G 336 24.61 -13.95 -19.56
CA LYS G 336 23.36 -13.89 -20.29
C LYS G 336 22.14 -13.97 -19.37
N ILE G 337 21.11 -13.19 -19.71
CA ILE G 337 19.84 -13.20 -18.97
C ILE G 337 18.67 -13.08 -19.96
N LEU G 338 17.67 -13.94 -19.80
CA LEU G 338 16.49 -13.91 -20.66
C LEU G 338 15.29 -14.56 -20.00
N TYR G 339 14.09 -14.11 -20.37
CA TYR G 339 12.85 -14.71 -19.88
C TYR G 339 12.65 -16.10 -20.46
N LEU G 340 12.10 -17.01 -19.66
CA LEU G 340 11.85 -18.38 -20.09
C LEU G 340 10.37 -18.67 -20.27
N THR G 341 9.86 -18.50 -21.49
CA THR G 341 8.49 -18.90 -21.81
C THR G 341 8.41 -20.43 -21.75
N PRO G 342 7.22 -20.96 -21.41
CA PRO G 342 7.06 -22.44 -21.21
C PRO G 342 7.49 -23.32 -22.42
N GLU G 343 7.26 -22.83 -23.64
CA GLU G 343 7.72 -23.55 -24.82
C GLU G 343 9.24 -23.59 -24.89
N GLN G 344 9.88 -22.50 -24.46
CA GLN G 344 11.33 -22.47 -24.33
C GLN G 344 11.78 -23.35 -23.17
N GLU G 345 10.94 -23.44 -22.14
CA GLU G 345 11.23 -24.29 -21.00
C GLU G 345 11.23 -25.76 -21.40
N LYS G 346 10.42 -26.08 -22.41
CA LYS G 346 10.38 -27.43 -22.95
C LYS G 346 11.52 -27.66 -23.94
N ASP G 347 11.80 -26.64 -24.75
CA ASP G 347 12.83 -26.74 -25.77
C ASP G 347 14.22 -26.66 -25.15
N LYS G 348 14.40 -25.72 -24.23
CA LYS G 348 15.68 -25.47 -23.56
C LYS G 348 16.81 -25.21 -24.54
N SER G 349 16.47 -24.70 -25.72
CA SER G 349 17.46 -24.43 -26.76
C SER G 349 18.41 -23.29 -26.41
N HIS G 350 17.93 -22.34 -25.61
CA HIS G 350 18.70 -21.14 -25.29
C HIS G 350 19.92 -21.44 -24.41
N PHE G 351 19.88 -22.55 -23.68
CA PHE G 351 20.99 -22.94 -22.82
C PHE G 351 22.25 -23.24 -23.62
N THR G 352 22.07 -23.70 -24.85
CA THR G 352 23.20 -24.07 -25.70
C THR G 352 23.38 -23.07 -26.84
N ASP G 353 24.23 -22.07 -26.61
CA ASP G 353 24.58 -21.10 -27.64
C ASP G 353 25.37 -21.77 -28.75
N LYS G 354 25.13 -21.35 -30.00
CA LYS G 354 25.82 -21.92 -31.15
C LYS G 354 27.31 -21.54 -31.17
N GLU G 355 27.65 -20.46 -30.47
CA GLU G 355 29.00 -19.92 -30.49
C GLU G 355 30.04 -20.88 -29.91
N THR G 356 29.62 -21.75 -28.98
CA THR G 356 30.55 -22.69 -28.36
C THR G 356 29.87 -24.02 -27.99
N GLY G 357 28.55 -23.97 -27.79
CA GLY G 357 27.80 -25.17 -27.47
C GLY G 357 27.79 -25.52 -26.00
N GLN G 358 28.48 -24.72 -25.19
CA GLN G 358 28.50 -24.93 -23.75
C GLN G 358 27.15 -24.62 -23.12
N GLU G 359 26.75 -25.44 -22.14
CA GLU G 359 25.51 -25.20 -21.42
C GLU G 359 25.77 -24.42 -20.13
N HIS G 360 25.02 -23.34 -19.93
CA HIS G 360 25.15 -22.54 -18.72
C HIS G 360 24.67 -23.32 -17.50
N GLU G 361 25.38 -23.16 -16.39
CA GLU G 361 25.01 -23.86 -15.15
C GLU G 361 24.15 -22.99 -14.24
N LEU G 362 23.14 -23.61 -13.63
CA LEU G 362 22.28 -22.91 -12.67
C LEU G 362 23.05 -22.55 -11.41
N ILE G 363 22.75 -21.39 -10.85
CA ILE G 363 23.38 -20.95 -9.60
C ILE G 363 22.35 -20.93 -8.47
N GLU G 364 21.29 -20.17 -8.65
CA GLU G 364 20.23 -20.08 -7.65
C GLU G 364 18.92 -19.67 -8.33
N SER G 365 17.80 -20.17 -7.82
CA SER G 365 16.50 -19.86 -8.39
C SER G 365 16.17 -18.38 -8.25
N MET G 366 15.68 -17.78 -9.33
CA MET G 366 15.30 -16.37 -9.33
C MET G 366 13.92 -16.19 -9.95
N PRO G 367 12.85 -16.52 -9.20
CA PRO G 367 11.44 -16.44 -9.74
C PRO G 367 11.03 -15.00 -10.17
N LEU G 368 10.27 -14.91 -11.25
CA LEU G 368 9.94 -13.63 -11.88
C LEU G 368 9.11 -12.73 -10.97
N LEU G 369 8.25 -13.33 -10.15
CA LEU G 369 7.39 -12.56 -9.25
C LEU G 369 8.22 -11.94 -8.14
N GLU G 370 9.10 -12.74 -7.55
CA GLU G 370 10.03 -12.23 -6.55
C GLU G 370 11.00 -11.26 -7.21
N TRP G 371 11.28 -11.49 -8.49
CA TRP G 371 12.17 -10.61 -9.25
C TRP G 371 11.52 -9.23 -9.40
N PHE G 372 10.19 -9.19 -9.47
CA PHE G 372 9.47 -7.94 -9.33
C PHE G 372 9.57 -7.41 -7.89
N ALA G 373 9.46 -8.32 -6.94
CA ALA G 373 9.47 -7.96 -5.52
C ALA G 373 10.83 -7.46 -5.03
N ASN G 374 11.91 -7.88 -5.69
CA ASN G 374 13.26 -7.61 -5.22
C ASN G 374 13.63 -6.12 -5.16
N ASN G 375 13.10 -5.35 -6.10
CA ASN G 375 13.45 -3.94 -6.20
C ASN G 375 12.54 -3.14 -7.13
N TYR G 376 11.22 -3.29 -6.95
CA TYR G 376 10.26 -2.57 -7.77
C TYR G 376 10.37 -1.06 -7.57
N LYS G 377 10.72 -0.65 -6.35
CA LYS G 377 10.94 0.77 -6.05
C LYS G 377 12.14 1.31 -6.83
N LYS G 378 13.15 0.49 -7.00
CA LYS G 378 14.34 0.86 -7.77
C LYS G 378 14.01 1.02 -9.25
N PHE G 379 12.99 0.30 -9.70
CA PHE G 379 12.54 0.38 -11.09
C PHE G 379 11.63 1.57 -11.32
N GLY G 380 11.27 2.25 -10.23
CA GLY G 380 10.32 3.34 -10.30
C GLY G 380 8.89 2.87 -10.20
N ALA G 381 7.95 3.81 -10.19
CA ALA G 381 6.52 3.52 -10.06
C ALA G 381 6.23 2.68 -8.82
N THR G 382 5.11 1.96 -8.85
CA THR G 382 4.73 1.10 -7.73
C THR G 382 4.25 -0.27 -8.21
N LEU G 383 4.66 -1.31 -7.49
CA LEU G 383 4.23 -2.67 -7.79
C LEU G 383 2.73 -2.85 -7.52
N GLU G 384 2.07 -3.63 -8.37
CA GLU G 384 0.64 -3.89 -8.21
C GLU G 384 0.33 -5.36 -8.47
N ILE G 385 -0.72 -5.86 -7.83
CA ILE G 385 -1.12 -7.26 -7.96
C ILE G 385 -2.60 -7.39 -8.30
N VAL G 386 -2.90 -8.12 -9.36
CA VAL G 386 -4.28 -8.29 -9.80
C VAL G 386 -4.76 -9.74 -9.69
N THR G 387 -6.02 -9.91 -9.31
CA THR G 387 -6.63 -11.23 -9.21
C THR G 387 -7.46 -11.56 -10.44
N ASP G 388 -7.59 -12.85 -10.73
CA ASP G 388 -8.39 -13.32 -11.87
C ASP G 388 -9.87 -13.42 -11.51
N LYS G 389 -10.19 -13.18 -10.24
CA LYS G 389 -11.55 -13.34 -9.74
C LYS G 389 -12.54 -12.40 -10.44
N SER G 390 -12.06 -11.23 -10.84
CA SER G 390 -12.87 -10.30 -11.61
C SER G 390 -13.08 -10.83 -13.03
N GLN G 391 -14.25 -10.55 -13.60
CA GLN G 391 -14.55 -10.97 -14.95
C GLN G 391 -13.60 -10.34 -15.96
N GLU G 392 -13.22 -9.09 -15.69
CA GLU G 392 -12.24 -8.40 -16.52
C GLU G 392 -10.85 -9.00 -16.39
N GLY G 393 -10.59 -9.60 -15.23
CA GLY G 393 -9.27 -10.15 -14.94
C GLY G 393 -8.95 -11.37 -15.78
N SER G 394 -9.97 -12.20 -16.02
CA SER G 394 -9.79 -13.36 -16.88
C SER G 394 -9.49 -12.92 -18.31
N GLN G 395 -10.09 -11.81 -18.72
CA GLN G 395 -9.79 -11.21 -20.00
C GLN G 395 -8.36 -10.67 -20.03
N PHE G 396 -7.90 -10.19 -18.88
CA PHE G 396 -6.53 -9.73 -18.75
C PHE G 396 -5.53 -10.89 -18.83
N VAL G 397 -5.97 -12.07 -18.40
CA VAL G 397 -5.10 -13.23 -18.39
C VAL G 397 -5.04 -13.91 -19.75
N LYS G 398 -6.19 -14.41 -20.21
CA LYS G 398 -6.26 -15.11 -21.48
C LYS G 398 -5.95 -14.18 -22.67
N GLY G 399 -6.32 -12.91 -22.53
CA GLY G 399 -6.15 -11.97 -23.62
C GLY G 399 -4.83 -11.22 -23.67
N PHE G 400 -4.03 -11.32 -22.61
CA PHE G 400 -2.78 -10.57 -22.56
C PHE G 400 -1.63 -11.36 -21.94
N GLY G 401 -1.88 -12.63 -21.62
CA GLY G 401 -0.86 -13.48 -21.04
C GLY G 401 -0.72 -13.30 -19.54
N GLY G 402 -1.59 -12.50 -18.95
CA GLY G 402 -1.58 -12.28 -17.51
C GLY G 402 -0.56 -11.28 -17.02
N ILE G 403 0.05 -10.55 -17.96
CA ILE G 403 1.05 -9.54 -17.60
C ILE G 403 0.94 -8.32 -18.52
N GLY G 404 1.22 -7.14 -17.96
CA GLY G 404 1.14 -5.91 -18.73
C GLY G 404 1.33 -4.67 -17.88
N GLY G 405 1.08 -3.51 -18.48
CA GLY G 405 1.17 -2.26 -17.73
C GLY G 405 0.82 -1.03 -18.54
N ILE G 406 0.63 0.08 -17.83
CA ILE G 406 0.33 1.37 -18.44
C ILE G 406 1.61 2.20 -18.56
N LEU G 407 2.03 2.42 -19.81
CA LEU G 407 3.20 3.25 -20.11
C LEU G 407 2.93 4.72 -19.85
N ARG G 408 3.97 5.45 -19.43
CA ARG G 408 3.85 6.89 -19.28
C ARG G 408 3.66 7.58 -20.62
N TYR G 409 4.21 6.97 -21.68
CA TYR G 409 4.07 7.49 -23.03
C TYR G 409 4.40 6.43 -24.08
N ARG G 410 4.05 6.72 -25.33
CA ARG G 410 4.18 5.77 -26.43
C ARG G 410 5.63 5.37 -26.71
N VAL G 411 5.83 4.12 -27.10
CA VAL G 411 7.15 3.62 -27.47
C VAL G 411 7.12 2.90 -28.82
N ASP G 412 8.09 3.21 -29.67
CA ASP G 412 8.20 2.58 -30.98
C ASP G 412 9.03 1.30 -30.93
N PHE G 413 8.76 0.38 -31.85
CA PHE G 413 9.55 -0.84 -31.98
C PHE G 413 10.98 -0.52 -32.42
N GLN G 414 11.94 -1.24 -31.87
CA GLN G 414 13.34 -1.05 -32.23
C GLN G 414 13.62 -1.43 -33.69
N GLY G 415 14.51 -0.69 -34.33
CA GLY G 415 14.91 -0.96 -35.70
C GLY G 415 16.22 -0.26 -36.03
N MET G 416 17.12 -0.98 -36.69
CA MET G 416 18.47 -0.51 -37.00
C MET G 416 19.29 -0.22 -35.74
N GLU G 417 20.61 -0.24 -35.89
CA GLU G 417 21.52 -0.07 -34.76
C GLU G 417 21.40 1.31 -34.12
N TYR G 418 21.05 2.31 -34.92
CA TYR G 418 20.97 3.67 -34.41
C TYR G 418 19.80 3.89 -33.47
N GLN G 419 18.60 3.53 -33.92
CA GLN G 419 17.42 3.61 -33.08
C GLN G 419 17.47 2.59 -31.95
N GLY G 420 18.13 1.46 -32.22
CA GLY G 420 18.25 0.41 -31.22
C GLY G 420 19.14 0.84 -30.08
N GLY G 421 20.19 1.60 -30.40
CA GLY G 421 21.02 2.18 -29.39
C GLY G 421 20.36 3.40 -28.76
N ASP G 422 19.50 4.05 -29.54
CA ASP G 422 18.76 5.21 -29.06
C ASP G 422 17.82 4.78 -27.96
N ASP G 423 17.33 3.53 -28.07
CA ASP G 423 16.49 2.97 -27.04
C ASP G 423 17.28 2.31 -25.91
N GLU G 424 18.32 1.57 -26.27
CA GLU G 424 19.04 0.76 -25.28
C GLU G 424 19.98 1.57 -24.39
N PHE G 425 20.74 2.48 -25.00
CA PHE G 425 21.60 3.36 -24.20
C PHE G 425 20.74 4.29 -23.36
N PHE G 426 19.54 4.60 -23.86
CA PHE G 426 18.57 5.33 -23.07
C PHE G 426 18.08 4.49 -21.89
N ASP G 427 18.01 3.17 -22.10
CA ASP G 427 17.66 2.26 -21.02
C ASP G 427 18.77 2.30 -19.98
N LEU G 428 20.00 2.46 -20.46
CA LEU G 428 21.15 2.62 -19.58
C LEU G 428 21.08 3.95 -18.84
N ASP G 429 20.51 4.96 -19.49
CA ASP G 429 20.28 6.26 -18.85
C ASP G 429 19.25 6.15 -17.74
N ASP G 430 18.29 5.26 -17.93
CA ASP G 430 17.22 5.06 -16.95
C ASP G 430 17.61 4.04 -15.88
N TYR G 431 18.78 3.42 -16.05
CA TYR G 431 19.25 2.43 -15.09
C TYR G 431 20.30 3.03 -14.17
N MET I 1 -89.93 39.88 36.22
CA MET I 1 -89.06 39.18 35.30
C MET I 1 -87.62 39.68 35.40
N GLU I 2 -86.77 38.91 36.09
CA GLU I 2 -85.37 39.27 36.26
C GLU I 2 -84.63 38.22 37.08
N PRO I 3 -83.73 37.50 36.43
CA PRO I 3 -82.95 36.45 37.09
C PRO I 3 -81.46 36.57 36.78
N LEU I 4 -81.13 36.65 35.49
CA LEU I 4 -79.74 36.76 35.08
C LEU I 4 -79.30 35.54 34.28
N VAL I 5 -78.07 35.08 34.53
CA VAL I 5 -77.53 33.92 33.84
C VAL I 5 -76.78 33.00 34.80
N LEU I 6 -75.68 32.44 34.32
CA LEU I 6 -74.87 31.53 35.14
C LEU I 6 -74.92 30.10 34.60
N SER I 7 -73.85 29.69 33.94
CA SER I 7 -73.78 28.34 33.39
C SER I 7 -72.58 28.21 32.45
N ALA I 8 -72.10 26.98 32.27
CA ALA I 8 -70.97 26.71 31.39
C ALA I 8 -71.15 27.40 30.04
N LYS I 9 -72.28 27.12 29.39
CA LYS I 9 -72.63 27.71 28.10
C LYS I 9 -71.63 27.32 27.02
N LYS I 10 -71.51 28.18 26.00
CA LYS I 10 -70.56 27.97 24.90
C LYS I 10 -69.27 28.79 25.10
N LEU I 11 -69.43 29.97 25.69
CA LEU I 11 -68.33 30.90 25.99
C LEU I 11 -67.41 30.35 27.07
N SER I 12 -68.02 29.73 28.07
CA SER I 12 -67.31 29.15 29.20
C SER I 12 -66.40 28.05 28.66
N SER I 13 -66.83 27.44 27.55
CA SER I 13 -66.10 26.36 26.93
C SER I 13 -64.68 26.73 26.48
N LEU I 14 -64.47 27.92 25.92
CA LEU I 14 -63.08 28.25 25.48
C LEU I 14 -62.13 28.35 26.68
N LEU I 15 -62.64 28.98 27.72
CA LEU I 15 -61.90 29.21 28.97
C LEU I 15 -61.44 27.82 29.38
N THR I 16 -62.35 26.87 29.23
CA THR I 16 -62.06 25.49 29.50
C THR I 16 -61.00 25.09 28.48
N CYS I 17 -61.12 25.58 27.25
CA CYS I 17 -60.10 25.19 26.28
C CYS I 17 -58.70 25.72 26.60
N LYS I 18 -58.61 26.98 27.01
CA LYS I 18 -57.33 27.59 27.31
C LYS I 18 -56.54 26.95 28.46
N TYR I 19 -57.22 26.59 29.54
CA TYR I 19 -56.54 25.93 30.64
C TYR I 19 -56.13 24.47 30.31
N ILE I 20 -56.68 23.89 29.23
CA ILE I 20 -56.37 22.50 28.85
C ILE I 20 -54.93 22.14 28.50
N PRO I 21 -54.24 22.95 27.71
CA PRO I 21 -52.84 22.58 27.35
C PRO I 21 -51.72 23.62 27.72
N PRO I 22 -51.44 23.79 29.02
CA PRO I 22 -50.32 24.69 29.48
C PRO I 22 -48.92 24.10 29.19
#